data_4ISU
#
_entry.id   4ISU
#
_cell.length_a   62.514
_cell.length_b   88.773
_cell.length_c   194.456
_cell.angle_alpha   90.000
_cell.angle_beta   90.000
_cell.angle_gamma   90.000
#
_symmetry.space_group_name_H-M   'P 21 21 21'
#
loop_
_entity.id
_entity.type
_entity.pdbx_description
1 polymer 'Glutamate receptor 2'
2 non-polymer "(4aS,5aR,6R,8aS,8bS)-5a-(carboxymethyl)-8-oxo-2,4a,5a,6,7,8,8a,8b-octahydro-1H-pyrrolo[3',4':4,5]furo[3,2-b]pyridine-6-carboxylic acid"
3 non-polymer 'SULFATE ION'
4 non-polymer 'CHLORIDE ION'
5 water water
#
_entity_poly.entity_id   1
_entity_poly.type   'polypeptide(L)'
_entity_poly.pdbx_seq_one_letter_code
;GANKTVVVTTILESPYVMMKKNHEMLEGNERYEGYCVDLAAEIAKHCGFKYKLTIVGDGKYGARDADTKIWNGMVGELVY
GKADIAIAPLTITLVREEVIDFSKPFMSLGISIMIKKGTPIESAEDLSKQTEIAYGTLDSGSTKEFFRRSKIAVFDKMWT
YMRSAEPSVFVRTTAEGVARVRKSKGKYAYLLESTMNEYIEQRKPCDTMKVGGNLDSKGYGIATPKGSSLGNAVNLAVLK
LNEQGLLDKLKNKWWYDKGECGS
;
_entity_poly.pdbx_strand_id   A,D,C,B
#
loop_
_chem_comp.id
_chem_comp.type
_chem_comp.name
_chem_comp.formula
CL non-polymer 'CHLORIDE ION' 'Cl -1'
IKM non-polymer '(4aS,5aR,6R,8aS,8bS)-5a-(carboxymethyl)-8-oxo-2,4a,5a,6,7,8,8a,8b-octahydro-1H-pyrrolo[3',4':4,5]furo[3,2-b]pyridine-6-carboxylic acid' 'C12 H14 N2 O6'
SO4 non-polymer 'SULFATE ION' 'O4 S -2'
#
# COMPACT_ATOMS: atom_id res chain seq x y z
N LYS A 4 8.24 7.56 18.57
CA LYS A 4 7.01 8.25 18.19
C LYS A 4 7.24 9.69 17.74
N THR A 5 8.35 10.30 18.16
CA THR A 5 8.77 11.56 17.53
C THR A 5 9.39 11.26 16.16
N VAL A 6 8.83 11.85 15.12
CA VAL A 6 9.29 11.61 13.76
C VAL A 6 10.63 12.32 13.51
N VAL A 7 11.59 11.61 12.95
CA VAL A 7 12.87 12.23 12.59
C VAL A 7 12.85 12.73 11.16
N VAL A 8 12.82 14.05 11.01
CA VAL A 8 12.88 14.69 9.71
C VAL A 8 14.32 15.01 9.36
N THR A 9 14.77 14.57 8.18
CA THR A 9 16.09 14.96 7.70
C THR A 9 15.92 16.01 6.61
N THR A 10 16.78 17.01 6.62
CA THR A 10 16.78 18.00 5.56
C THR A 10 18.19 18.54 5.33
N ILE A 11 18.30 19.60 4.55
CA ILE A 11 19.62 20.08 4.12
C ILE A 11 19.68 21.61 4.14
N LEU A 12 20.82 22.16 4.56
CA LEU A 12 20.96 23.61 4.71
C LEU A 12 21.09 24.31 3.35
N GLU A 13 19.96 24.78 2.84
CA GLU A 13 19.89 25.41 1.53
C GLU A 13 18.83 26.50 1.57
N SER A 14 19.27 27.74 1.40
CA SER A 14 18.36 28.87 1.48
C SER A 14 17.59 28.96 0.17
N PRO A 15 16.31 29.36 0.22
CA PRO A 15 15.60 29.72 1.46
C PRO A 15 14.83 28.54 2.04
N TYR A 16 15.13 27.31 1.60
CA TYR A 16 14.38 26.15 2.04
C TYR A 16 14.56 25.87 3.53
N VAL A 17 15.81 25.85 3.96
CA VAL A 17 16.13 25.64 5.37
C VAL A 17 17.35 26.45 5.70
N MET A 18 17.23 27.31 6.71
CA MET A 18 18.33 28.14 7.13
C MET A 18 18.45 28.16 8.64
N MET A 19 19.66 28.41 9.14
CA MET A 19 19.89 28.58 10.55
C MET A 19 19.56 30.01 10.93
N LYS A 20 18.63 30.20 11.86
CA LYS A 20 18.24 31.56 12.23
C LYS A 20 19.45 32.34 12.75
N LYS A 21 19.44 33.65 12.56
CA LYS A 21 20.54 34.50 13.03
C LYS A 21 20.95 34.19 14.49
N ASN A 22 19.99 34.13 15.39
CA ASN A 22 20.32 33.83 16.79
C ASN A 22 20.10 32.37 17.20
N HIS A 23 20.43 31.44 16.30
CA HIS A 23 20.18 30.01 16.55
CA HIS A 23 20.19 30.01 16.55
C HIS A 23 20.91 29.49 17.78
N GLU A 24 22.06 30.08 18.11
CA GLU A 24 22.81 29.63 19.27
C GLU A 24 22.09 29.99 20.56
N MET A 25 21.07 30.84 20.44
CA MET A 25 20.20 31.21 21.56
C MET A 25 18.88 30.43 21.54
N LEU A 26 18.75 29.49 20.60
CA LEU A 26 17.52 28.75 20.40
C LEU A 26 17.67 27.23 20.58
N GLU A 27 16.57 26.56 20.89
CA GLU A 27 16.59 25.13 21.15
C GLU A 27 15.88 24.36 20.00
N GLY A 28 16.43 23.20 19.63
CA GLY A 28 15.79 22.31 18.69
C GLY A 28 15.33 22.89 17.35
N ASN A 29 14.06 22.67 17.03
CA ASN A 29 13.52 23.02 15.73
C ASN A 29 13.51 24.52 15.49
N GLU A 30 13.49 25.28 16.57
CA GLU A 30 13.42 26.74 16.43
C GLU A 30 14.73 27.38 15.96
N ARG A 31 15.79 26.58 15.87
CA ARG A 31 17.06 27.04 15.29
C ARG A 31 16.94 27.32 13.79
N TYR A 32 15.93 26.75 13.16
CA TYR A 32 15.85 26.76 11.72
C TYR A 32 14.62 27.49 11.21
N GLU A 33 14.77 28.11 10.05
CA GLU A 33 13.65 28.76 9.37
C GLU A 33 13.74 28.49 7.88
N GLY A 34 12.68 28.83 7.16
CA GLY A 34 12.67 28.66 5.73
C GLY A 34 11.44 27.95 5.21
N TYR A 35 11.37 27.85 3.90
CA TYR A 35 10.24 27.24 3.21
C TYR A 35 10.01 25.80 3.64
N CYS A 36 11.08 25.02 3.80
CA CYS A 36 10.93 23.61 4.12
C CYS A 36 10.74 23.39 5.61
N VAL A 37 11.03 24.43 6.41
CA VAL A 37 10.77 24.37 7.84
C VAL A 37 9.29 24.57 8.08
N ASP A 38 8.72 25.57 7.42
CA ASP A 38 7.27 25.77 7.47
C ASP A 38 6.56 24.55 6.89
N LEU A 39 7.02 24.07 5.73
CA LEU A 39 6.41 22.90 5.13
C LEU A 39 6.41 21.73 6.13
N ALA A 40 7.56 21.47 6.74
CA ALA A 40 7.63 20.44 7.77
C ALA A 40 6.57 20.63 8.87
N ALA A 41 6.45 21.85 9.39
CA ALA A 41 5.44 22.16 10.41
C ALA A 41 4.02 21.93 9.87
N GLU A 42 3.75 22.40 8.66
CA GLU A 42 2.45 22.19 8.03
C GLU A 42 2.15 20.71 7.83
N ILE A 43 3.16 19.95 7.40
CA ILE A 43 2.97 18.53 7.18
C ILE A 43 2.59 17.85 8.50
N ALA A 44 3.34 18.17 9.55
CA ALA A 44 3.12 17.54 10.85
C ALA A 44 1.73 17.85 11.41
N LYS A 45 1.27 19.08 11.25
CA LYS A 45 -0.06 19.46 11.70
C LYS A 45 -1.17 18.64 11.02
N HIS A 46 -1.08 18.52 9.71
CA HIS A 46 -2.06 17.76 8.93
C HIS A 46 -1.81 16.25 8.95
N CYS A 47 -0.81 15.82 9.69
CA CYS A 47 -0.49 14.40 9.83
C CYS A 47 -0.48 13.96 11.30
N GLY A 48 -0.62 14.93 12.20
CA GLY A 48 -0.80 14.66 13.61
C GLY A 48 0.42 14.06 14.29
N PHE A 49 1.60 14.28 13.73
CA PHE A 49 2.80 13.73 14.35
C PHE A 49 3.73 14.81 14.91
N LYS A 50 4.51 14.42 15.91
CA LYS A 50 5.55 15.26 16.47
C LYS A 50 6.86 14.93 15.77
N TYR A 51 7.74 15.91 15.66
CA TYR A 51 8.89 15.73 14.80
C TYR A 51 10.13 16.49 15.28
N LYS A 52 11.30 16.02 14.87
CA LYS A 52 12.52 16.75 15.14
C LYS A 52 13.31 16.99 13.85
N LEU A 53 13.65 18.25 13.61
CA LEU A 53 14.44 18.63 12.46
C LEU A 53 15.88 18.24 12.68
N THR A 54 16.41 17.47 11.73
CA THR A 54 17.85 17.20 11.68
C THR A 54 18.37 17.57 10.32
N ILE A 55 19.64 17.97 10.28
CA ILE A 55 20.31 18.28 9.03
C ILE A 55 21.07 17.06 8.57
N VAL A 56 20.89 16.70 7.30
CA VAL A 56 21.52 15.51 6.74
C VAL A 56 23.00 15.51 7.03
N GLY A 57 23.49 14.38 7.55
CA GLY A 57 24.80 14.29 8.16
C GLY A 57 25.96 14.64 7.26
N ASP A 58 25.91 14.18 6.01
CA ASP A 58 27.01 14.39 5.09
C ASP A 58 26.78 15.56 4.14
N GLY A 59 25.71 16.30 4.35
CA GLY A 59 25.46 17.49 3.55
C GLY A 59 25.06 17.21 2.12
N LYS A 60 24.65 15.97 1.85
CA LYS A 60 24.30 15.59 0.50
C LYS A 60 22.83 15.23 0.31
N TYR A 61 22.40 15.21 -0.95
CA TYR A 61 21.00 14.98 -1.26
C TYR A 61 20.67 13.50 -1.26
N GLY A 62 21.28 12.76 -2.18
CA GLY A 62 21.06 11.33 -2.29
C GLY A 62 21.46 10.81 -3.64
N ALA A 63 22.61 10.14 -3.65
CA ALA A 63 23.22 9.58 -4.84
C ALA A 63 23.80 8.23 -4.50
N ARG A 64 23.63 7.28 -5.39
CA ARG A 64 24.17 5.95 -5.18
C ARG A 64 25.52 5.84 -5.87
N ASP A 65 26.57 5.54 -5.10
CA ASP A 65 27.89 5.35 -5.70
C ASP A 65 27.94 4.12 -6.61
N ALA A 66 28.32 4.33 -7.87
CA ALA A 66 28.29 3.27 -8.87
C ALA A 66 29.02 2.01 -8.42
N ASP A 67 30.14 2.19 -7.71
CA ASP A 67 31.00 1.07 -7.33
C ASP A 67 30.57 0.36 -6.03
N THR A 68 30.39 1.14 -4.97
CA THR A 68 30.00 0.58 -3.68
C THR A 68 28.49 0.36 -3.59
N LYS A 69 27.75 1.09 -4.42
CA LYS A 69 26.29 0.99 -4.45
C LYS A 69 25.66 1.63 -3.21
N ILE A 70 26.48 2.30 -2.42
CA ILE A 70 26.00 2.95 -1.21
C ILE A 70 25.28 4.27 -1.57
N TRP A 71 24.17 4.53 -0.89
CA TRP A 71 23.44 5.79 -1.05
C TRP A 71 24.02 6.76 -0.03
N ASN A 72 24.29 7.99 -0.46
CA ASN A 72 24.66 9.05 0.48
C ASN A 72 23.46 9.96 0.77
N GLY A 73 23.74 11.08 1.44
CA GLY A 73 22.77 12.14 1.63
C GLY A 73 21.48 11.72 2.31
N MET A 74 20.41 12.47 2.04
CA MET A 74 19.11 12.22 2.63
C MET A 74 18.50 10.89 2.21
N VAL A 75 18.72 10.50 0.96
CA VAL A 75 18.20 9.21 0.50
C VAL A 75 18.85 8.08 1.30
N GLY A 76 20.16 8.16 1.49
CA GLY A 76 20.86 7.23 2.35
C GLY A 76 20.33 7.21 3.78
N GLU A 77 19.97 8.37 4.29
CA GLU A 77 19.48 8.41 5.67
C GLU A 77 18.12 7.71 5.81
N LEU A 78 17.30 7.78 4.76
CA LEU A 78 16.03 7.04 4.74
C LEU A 78 16.27 5.53 4.60
N VAL A 79 16.99 5.15 3.54
CA VAL A 79 17.20 3.74 3.23
C VAL A 79 17.95 2.98 4.34
N TYR A 80 18.86 3.66 5.04
CA TYR A 80 19.65 3.05 6.09
C TYR A 80 19.09 3.29 7.49
N GLY A 81 17.92 3.94 7.56
CA GLY A 81 17.16 4.03 8.78
C GLY A 81 17.55 5.09 9.82
N LYS A 82 18.19 6.17 9.40
CA LYS A 82 18.58 7.24 10.32
C LYS A 82 17.49 8.29 10.43
N ALA A 83 16.69 8.42 9.37
CA ALA A 83 15.64 9.42 9.33
C ALA A 83 14.34 8.78 8.88
N ASP A 84 13.23 9.36 9.29
CA ASP A 84 11.93 8.79 9.00
C ASP A 84 11.38 9.41 7.73
N ILE A 85 11.86 10.62 7.44
CA ILE A 85 11.28 11.41 6.38
C ILE A 85 12.20 12.55 5.98
N ALA A 86 12.16 12.90 4.69
CA ALA A 86 12.97 13.98 4.17
C ALA A 86 12.07 15.08 3.66
N ILE A 87 12.30 16.30 4.14
CA ILE A 87 11.57 17.46 3.68
C ILE A 87 12.59 18.52 3.24
N ALA A 88 12.88 18.52 1.96
CA ALA A 88 13.97 19.29 1.39
C ALA A 88 13.70 19.55 -0.10
N PRO A 89 14.57 20.36 -0.74
CA PRO A 89 14.50 20.49 -2.21
C PRO A 89 15.15 19.29 -2.85
N LEU A 90 14.56 18.13 -2.62
CA LEU A 90 15.04 16.86 -3.13
C LEU A 90 14.24 16.52 -4.38
N THR A 91 14.90 16.48 -5.52
CA THR A 91 14.21 16.23 -6.78
C THR A 91 13.68 14.81 -6.93
N ILE A 92 12.46 14.67 -7.46
CA ILE A 92 11.89 13.35 -7.71
C ILE A 92 12.51 12.75 -8.97
N THR A 93 13.35 11.74 -8.79
CA THR A 93 14.01 11.07 -9.91
C THR A 93 13.82 9.57 -9.85
N LEU A 94 13.93 8.95 -11.01
CA LEU A 94 13.71 7.52 -11.17
C LEU A 94 14.57 6.68 -10.23
N VAL A 95 15.87 6.99 -10.20
CA VAL A 95 16.78 6.18 -9.42
C VAL A 95 16.43 6.24 -7.93
N ARG A 96 15.91 7.39 -7.49
CA ARG A 96 15.49 7.57 -6.10
C ARG A 96 14.14 6.94 -5.84
N GLU A 97 13.21 7.13 -6.78
CA GLU A 97 11.87 6.56 -6.65
C GLU A 97 11.94 5.04 -6.52
N GLU A 98 13.01 4.45 -7.03
CA GLU A 98 13.12 3.00 -7.00
C GLU A 98 13.44 2.47 -5.60
N VAL A 99 13.99 3.32 -4.75
CA VAL A 99 14.39 2.90 -3.40
C VAL A 99 13.65 3.60 -2.25
N ILE A 100 12.91 4.67 -2.56
CA ILE A 100 12.07 5.32 -1.57
C ILE A 100 10.75 5.77 -2.18
N ASP A 101 9.81 6.15 -1.32
CA ASP A 101 8.55 6.73 -1.77
C ASP A 101 8.61 8.26 -1.83
N PHE A 102 7.96 8.81 -2.85
CA PHE A 102 7.86 10.25 -3.01
C PHE A 102 6.41 10.68 -2.89
N SER A 103 6.17 11.81 -2.23
CA SER A 103 4.89 12.46 -2.36
C SER A 103 4.79 13.06 -3.75
N LYS A 104 3.58 13.42 -4.14
CA LYS A 104 3.44 14.26 -5.31
C LYS A 104 4.21 15.56 -5.00
N PRO A 105 4.78 16.20 -6.03
CA PRO A 105 5.72 17.31 -5.80
C PRO A 105 5.11 18.52 -5.07
N PHE A 106 5.80 19.09 -4.08
CA PHE A 106 5.29 20.29 -3.43
C PHE A 106 5.75 21.55 -4.15
N MET A 107 6.59 21.38 -5.14
CA MET A 107 7.09 22.51 -5.90
C MET A 107 7.68 22.02 -7.21
N SER A 108 7.39 22.76 -8.27
CA SER A 108 7.87 22.43 -9.60
C SER A 108 8.95 23.42 -9.99
N LEU A 109 9.87 22.99 -10.83
CA LEU A 109 10.97 23.84 -11.26
C LEU A 109 11.57 23.37 -12.58
N GLY A 110 12.49 24.16 -13.13
CA GLY A 110 13.23 23.75 -14.32
C GLY A 110 14.54 24.49 -14.55
N ILE A 111 15.34 23.97 -15.46
CA ILE A 111 16.57 24.66 -15.83
C ILE A 111 16.29 26.06 -16.34
N SER A 112 17.01 27.05 -15.82
CA SER A 112 16.87 28.38 -16.37
C SER A 112 18.19 29.15 -16.39
N ILE A 113 18.12 30.37 -16.93
CA ILE A 113 19.30 31.18 -17.17
C ILE A 113 19.42 32.32 -16.18
N MET A 114 20.54 32.34 -15.45
CA MET A 114 20.88 33.50 -14.65
C MET A 114 21.87 34.40 -15.37
N ILE A 115 21.50 35.66 -15.56
CA ILE A 115 22.41 36.64 -16.12
C ILE A 115 22.68 37.75 -15.12
N LYS A 116 23.82 38.41 -15.29
CA LYS A 116 24.07 39.65 -14.56
C LYS A 116 23.31 40.72 -15.32
N LYS A 117 22.61 41.59 -14.59
CA LYS A 117 21.75 42.58 -15.21
C LYS A 117 22.55 43.44 -16.19
N GLY A 118 22.01 43.61 -17.38
CA GLY A 118 22.71 44.31 -18.45
C GLY A 118 22.93 43.37 -19.61
N THR A 119 23.20 42.11 -19.29
CA THR A 119 23.58 41.13 -20.29
C THR A 119 22.54 41.03 -21.42
N PRO A 120 23.01 41.04 -22.68
CA PRO A 120 22.14 40.95 -23.86
C PRO A 120 21.73 39.51 -24.18
N ILE A 121 21.10 38.86 -23.22
CA ILE A 121 20.62 37.50 -23.39
C ILE A 121 19.21 37.39 -22.80
N GLU A 122 18.31 36.79 -23.56
CA GLU A 122 16.93 36.69 -23.10
C GLU A 122 16.39 35.26 -23.15
N SER A 123 17.25 34.32 -23.53
CA SER A 123 16.78 32.96 -23.82
C SER A 123 17.92 32.01 -24.10
N ALA A 124 17.63 30.71 -24.01
CA ALA A 124 18.62 29.69 -24.33
C ALA A 124 19.07 29.84 -25.76
N GLU A 125 18.15 30.21 -26.65
CA GLU A 125 18.48 30.39 -28.05
C GLU A 125 19.52 31.50 -28.22
N ASP A 126 19.25 32.64 -27.61
CA ASP A 126 20.22 33.73 -27.53
C ASP A 126 21.61 33.23 -27.13
N LEU A 127 21.65 32.39 -26.10
CA LEU A 127 22.89 31.84 -25.62
C LEU A 127 23.52 30.96 -26.68
N SER A 128 22.72 30.08 -27.28
CA SER A 128 23.22 29.11 -28.26
C SER A 128 23.93 29.75 -29.46
N LYS A 129 23.45 30.92 -29.89
CA LYS A 129 23.92 31.55 -31.11
C LYS A 129 25.17 32.41 -30.94
N GLN A 130 25.78 32.35 -29.78
CA GLN A 130 26.91 33.23 -29.51
C GLN A 130 27.89 32.55 -28.58
N THR A 131 29.11 33.09 -28.49
CA THR A 131 30.15 32.55 -27.62
C THR A 131 30.78 33.65 -26.78
N GLU A 132 30.49 34.89 -27.16
CA GLU A 132 31.12 36.04 -26.51
C GLU A 132 30.78 36.07 -25.03
N ILE A 133 29.51 35.77 -24.73
CA ILE A 133 29.08 35.59 -23.36
C ILE A 133 29.17 34.11 -23.03
N ALA A 134 30.10 33.78 -22.14
CA ALA A 134 30.24 32.40 -21.70
C ALA A 134 29.04 32.00 -20.83
N TYR A 135 28.73 30.72 -20.85
CA TYR A 135 27.65 30.18 -20.05
C TYR A 135 27.97 28.75 -19.67
N GLY A 136 27.50 28.33 -18.51
CA GLY A 136 27.75 26.99 -18.04
C GLY A 136 26.86 26.57 -16.91
N THR A 137 27.13 25.36 -16.40
CA THR A 137 26.33 24.80 -15.35
C THR A 137 27.21 24.30 -14.22
N LEU A 138 26.57 23.73 -13.21
CA LEU A 138 27.28 22.99 -12.20
C LEU A 138 28.09 21.89 -12.89
N ASP A 139 29.29 21.64 -12.39
CA ASP A 139 30.22 20.74 -13.03
C ASP A 139 29.79 19.27 -12.88
N SER A 140 28.98 19.01 -11.87
CA SER A 140 28.42 17.68 -11.70
C SER A 140 26.96 17.78 -11.30
N GLY A 141 26.09 17.08 -12.03
CA GLY A 141 24.70 17.02 -11.64
C GLY A 141 23.74 16.97 -12.80
N SER A 142 22.45 17.10 -12.51
CA SER A 142 21.44 16.83 -13.51
C SER A 142 21.43 17.86 -14.63
N THR A 143 21.70 19.12 -14.31
CA THR A 143 21.67 20.15 -15.35
C THR A 143 22.71 19.85 -16.45
N LYS A 144 23.90 19.48 -16.02
CA LYS A 144 24.93 19.09 -16.95
C LYS A 144 24.45 17.88 -17.76
N GLU A 145 23.98 16.84 -17.08
CA GLU A 145 23.55 15.63 -17.79
C GLU A 145 22.41 15.94 -18.74
N PHE A 146 21.61 16.94 -18.40
CA PHE A 146 20.48 17.30 -19.25
C PHE A 146 21.01 17.76 -20.59
N PHE A 147 21.93 18.71 -20.53
CA PHE A 147 22.55 19.19 -21.73
C PHE A 147 23.31 18.07 -22.45
N ARG A 148 24.08 17.30 -21.70
CA ARG A 148 24.88 16.23 -22.29
C ARG A 148 24.04 15.22 -23.06
N ARG A 149 22.79 15.06 -22.66
CA ARG A 149 21.96 13.99 -23.20
C ARG A 149 20.87 14.51 -24.17
N SER A 150 20.67 15.81 -24.20
CA SER A 150 19.61 16.36 -25.01
C SER A 150 19.83 16.09 -26.49
N LYS A 151 18.75 15.83 -27.21
CA LYS A 151 18.83 15.63 -28.65
C LYS A 151 18.24 16.80 -29.40
N ILE A 152 17.86 17.83 -28.64
CA ILE A 152 17.29 19.07 -29.17
C ILE A 152 18.40 19.97 -29.71
N ALA A 153 18.22 20.50 -30.92
CA ALA A 153 19.29 21.25 -31.58
C ALA A 153 19.89 22.31 -30.67
N VAL A 154 19.10 23.29 -30.24
CA VAL A 154 19.60 24.37 -29.40
C VAL A 154 20.39 23.83 -28.19
N PHE A 155 19.82 22.85 -27.50
CA PHE A 155 20.42 22.35 -26.26
C PHE A 155 21.69 21.57 -26.55
N ASP A 156 21.70 20.91 -27.70
CA ASP A 156 22.89 20.18 -28.13
C ASP A 156 24.01 21.14 -28.52
N LYS A 157 23.68 22.21 -29.23
CA LYS A 157 24.70 23.20 -29.57
C LYS A 157 25.23 23.86 -28.29
N MET A 158 24.37 24.04 -27.30
CA MET A 158 24.83 24.61 -26.04
C MET A 158 25.80 23.65 -25.35
N TRP A 159 25.49 22.36 -25.39
CA TRP A 159 26.30 21.38 -24.68
C TRP A 159 27.69 21.26 -25.31
N THR A 160 27.70 21.01 -26.62
CA THR A 160 28.97 20.89 -27.33
C THR A 160 29.82 22.15 -27.12
N TYR A 161 29.17 23.30 -27.14
CA TYR A 161 29.86 24.54 -26.81
C TYR A 161 30.44 24.51 -25.38
N MET A 162 29.63 24.11 -24.42
CA MET A 162 30.04 24.14 -23.03
C MET A 162 31.15 23.14 -22.75
N ARG A 163 31.02 21.96 -23.32
CA ARG A 163 32.00 20.90 -23.14
C ARG A 163 33.37 21.33 -23.68
N SER A 164 33.37 22.06 -24.79
CA SER A 164 34.58 22.45 -25.49
C SER A 164 35.12 23.83 -25.08
N ALA A 165 34.42 24.51 -24.18
CA ALA A 165 34.80 25.89 -23.88
C ALA A 165 36.01 25.96 -22.95
N GLU A 166 36.92 26.87 -23.27
CA GLU A 166 38.11 27.13 -22.46
C GLU A 166 38.26 28.61 -22.26
N PRO A 167 38.49 29.03 -21.00
CA PRO A 167 38.58 28.11 -19.86
C PRO A 167 37.23 27.48 -19.50
N SER A 168 37.25 26.52 -18.59
CA SER A 168 36.04 25.81 -18.17
C SER A 168 34.85 26.73 -17.82
N VAL A 169 33.66 26.34 -18.26
CA VAL A 169 32.44 27.09 -17.96
C VAL A 169 31.65 26.42 -16.84
N PHE A 170 32.22 25.36 -16.27
CA PHE A 170 31.55 24.63 -15.22
C PHE A 170 32.01 25.13 -13.87
N VAL A 171 31.13 25.04 -12.87
CA VAL A 171 31.47 25.47 -11.53
C VAL A 171 31.27 24.34 -10.56
N ARG A 172 32.01 24.35 -9.46
CA ARG A 172 31.96 23.25 -8.54
C ARG A 172 30.75 23.41 -7.60
N THR A 173 30.43 24.66 -7.30
CA THR A 173 29.31 24.92 -6.41
C THR A 173 28.36 25.98 -6.98
N THR A 174 27.11 25.90 -6.57
CA THR A 174 26.12 26.88 -6.98
C THR A 174 26.62 28.26 -6.59
N ALA A 175 27.19 28.37 -5.40
CA ALA A 175 27.65 29.65 -4.91
C ALA A 175 28.72 30.21 -5.85
N GLU A 176 29.56 29.34 -6.38
CA GLU A 176 30.60 29.77 -7.32
C GLU A 176 29.99 30.25 -8.64
N GLY A 177 29.00 29.52 -9.13
CA GLY A 177 28.30 29.91 -10.34
C GLY A 177 27.78 31.33 -10.22
N VAL A 178 27.12 31.59 -9.10
CA VAL A 178 26.49 32.87 -8.89
C VAL A 178 27.52 33.97 -8.76
N ALA A 179 28.56 33.70 -7.97
CA ALA A 179 29.68 34.62 -7.86
C ALA A 179 30.21 34.91 -9.25
N ARG A 180 30.52 33.84 -9.98
CA ARG A 180 31.07 33.98 -11.33
C ARG A 180 30.25 34.94 -12.19
N VAL A 181 28.94 34.76 -12.16
CA VAL A 181 28.05 35.72 -12.78
C VAL A 181 28.36 37.12 -12.26
N ARG A 182 28.13 37.32 -10.97
CA ARG A 182 28.30 38.63 -10.36
C ARG A 182 29.67 39.26 -10.64
N LYS A 183 30.72 38.45 -10.63
CA LYS A 183 32.09 38.96 -10.81
C LYS A 183 32.52 39.14 -12.27
N SER A 184 31.84 38.47 -13.19
CA SER A 184 32.30 38.43 -14.57
C SER A 184 31.90 39.64 -15.40
N LYS A 185 31.39 40.67 -14.74
CA LYS A 185 31.08 41.92 -15.42
C LYS A 185 30.23 41.67 -16.65
N GLY A 186 29.28 40.73 -16.53
CA GLY A 186 28.30 40.50 -17.58
C GLY A 186 28.76 39.60 -18.71
N LYS A 187 29.90 38.94 -18.54
CA LYS A 187 30.44 38.06 -19.58
C LYS A 187 30.24 36.57 -19.29
N TYR A 188 29.60 36.25 -18.18
CA TYR A 188 29.21 34.88 -17.86
C TYR A 188 27.73 34.78 -17.49
N ALA A 189 27.08 33.74 -18.01
CA ALA A 189 25.72 33.40 -17.64
C ALA A 189 25.74 32.03 -16.99
N TYR A 190 24.74 31.74 -16.17
CA TYR A 190 24.72 30.50 -15.40
C TYR A 190 23.36 29.77 -15.55
N LEU A 191 23.43 28.46 -15.75
CA LEU A 191 22.24 27.62 -15.83
C LEU A 191 21.99 26.87 -14.53
N LEU A 192 20.81 27.08 -13.96
CA LEU A 192 20.45 26.47 -12.68
C LEU A 192 18.93 26.46 -12.44
N GLU A 193 18.52 25.78 -11.38
CA GLU A 193 17.11 25.67 -11.03
C GLU A 193 16.43 27.03 -11.08
N SER A 194 15.32 27.10 -11.80
CA SER A 194 14.56 28.33 -11.86
C SER A 194 14.31 28.87 -10.43
N THR A 195 13.98 27.96 -9.51
CA THR A 195 13.76 28.33 -8.11
C THR A 195 14.95 29.04 -7.47
N MET A 196 16.16 28.53 -7.68
CA MET A 196 17.33 29.18 -7.10
C MET A 196 17.58 30.51 -7.80
N ASN A 197 17.32 30.52 -9.10
CA ASN A 197 17.49 31.71 -9.94
C ASN A 197 16.57 32.83 -9.45
N GLU A 198 15.30 32.49 -9.24
CA GLU A 198 14.31 33.42 -8.71
C GLU A 198 14.71 33.93 -7.32
N TYR A 199 15.21 33.05 -6.48
CA TYR A 199 15.55 33.43 -5.13
C TYR A 199 16.68 34.45 -5.15
N ILE A 200 17.76 34.11 -5.86
CA ILE A 200 18.91 35.00 -5.99
C ILE A 200 18.55 36.36 -6.58
N GLU A 201 17.61 36.38 -7.52
CA GLU A 201 17.13 37.62 -8.14
C GLU A 201 16.65 38.57 -7.03
N GLN A 202 16.17 37.99 -5.94
CA GLN A 202 15.64 38.77 -4.84
C GLN A 202 16.67 38.98 -3.74
N ARG A 203 17.94 38.86 -4.10
CA ARG A 203 18.99 39.01 -3.11
C ARG A 203 19.88 40.20 -3.42
N LYS A 204 20.23 40.94 -2.37
CA LYS A 204 21.22 41.98 -2.54
C LYS A 204 22.49 41.24 -2.95
N PRO A 205 23.28 41.85 -3.84
CA PRO A 205 23.12 43.24 -4.27
C PRO A 205 22.17 43.45 -5.44
N CYS A 206 21.24 42.54 -5.66
CA CYS A 206 20.20 42.73 -6.68
C CYS A 206 20.76 42.98 -8.09
N ASP A 207 21.75 42.21 -8.49
CA ASP A 207 22.45 42.46 -9.74
C ASP A 207 22.34 41.31 -10.73
N THR A 208 21.38 40.40 -10.51
CA THR A 208 21.20 39.23 -11.38
C THR A 208 19.78 39.11 -11.83
N MET A 209 19.54 38.25 -12.80
CA MET A 209 18.20 38.18 -13.37
C MET A 209 17.95 36.85 -14.04
N LYS A 210 16.76 36.30 -13.80
CA LYS A 210 16.30 35.12 -14.52
C LYS A 210 15.69 35.55 -15.84
N VAL A 211 16.11 34.92 -16.92
CA VAL A 211 15.53 35.20 -18.24
C VAL A 211 15.17 33.91 -18.96
N GLY A 212 14.25 34.03 -19.92
CA GLY A 212 13.85 32.93 -20.76
C GLY A 212 12.92 31.99 -20.04
N GLY A 213 12.31 31.06 -20.78
CA GLY A 213 11.47 30.06 -20.18
C GLY A 213 12.32 28.99 -19.56
N ASN A 214 11.68 28.12 -18.79
CA ASN A 214 12.36 26.94 -18.29
C ASN A 214 12.68 26.01 -19.46
N LEU A 215 13.84 25.36 -19.40
CA LEU A 215 14.28 24.44 -20.43
C LEU A 215 13.61 23.09 -20.23
N ASP A 216 13.43 22.73 -18.98
CA ASP A 216 12.78 21.46 -18.70
C ASP A 216 11.88 21.60 -17.49
N SER A 217 11.54 20.47 -16.89
CA SER A 217 10.67 20.47 -15.72
C SER A 217 10.93 19.24 -14.85
N LYS A 218 11.11 19.50 -13.55
CA LYS A 218 11.20 18.44 -12.56
C LYS A 218 10.52 18.90 -11.27
N GLY A 219 10.46 18.01 -10.30
CA GLY A 219 9.69 18.27 -9.08
C GLY A 219 10.42 17.92 -7.80
N TYR A 220 10.14 18.68 -6.74
CA TYR A 220 10.56 18.33 -5.39
C TYR A 220 9.43 17.60 -4.70
N GLY A 221 9.74 16.49 -4.04
CA GLY A 221 8.76 15.78 -3.25
C GLY A 221 9.23 15.41 -1.87
N ILE A 222 8.29 15.19 -0.95
CA ILE A 222 8.62 14.64 0.36
C ILE A 222 9.03 13.17 0.15
N ALA A 223 10.02 12.70 0.90
CA ALA A 223 10.49 11.32 0.69
C ALA A 223 10.38 10.49 1.95
N THR A 224 9.89 9.26 1.79
CA THR A 224 9.80 8.33 2.91
C THR A 224 10.29 6.94 2.51
N PRO A 225 10.68 6.12 3.49
CA PRO A 225 11.00 4.71 3.22
C PRO A 225 9.85 4.04 2.50
N LYS A 226 10.15 3.10 1.61
CA LYS A 226 9.10 2.29 0.98
C LYS A 226 8.15 1.67 2.01
N GLY A 227 6.85 1.85 1.82
CA GLY A 227 5.87 1.26 2.72
C GLY A 227 5.76 1.96 4.07
N SER A 228 6.33 3.15 4.16
CA SER A 228 6.30 3.90 5.41
C SER A 228 4.86 4.21 5.81
N SER A 229 4.60 4.15 7.11
CA SER A 229 3.26 4.43 7.64
C SER A 229 2.89 5.89 7.44
N LEU A 230 3.91 6.72 7.22
CA LEU A 230 3.69 8.16 7.10
C LEU A 230 3.35 8.63 5.68
N GLY A 231 3.82 7.90 4.68
CA GLY A 231 3.76 8.37 3.30
C GLY A 231 2.41 8.79 2.72
N ASN A 232 1.35 8.06 3.08
CA ASN A 232 0.02 8.31 2.53
C ASN A 232 -0.55 9.64 3.03
N ALA A 233 -0.57 9.79 4.35
CA ALA A 233 -0.93 11.02 5.01
C ALA A 233 -0.09 12.19 4.50
N VAL A 234 1.21 11.96 4.40
CA VAL A 234 2.13 13.01 3.96
C VAL A 234 1.81 13.45 2.53
N ASN A 235 1.61 12.49 1.64
CA ASN A 235 1.21 12.83 0.28
C ASN A 235 -0.12 13.57 0.23
N LEU A 236 -1.11 13.09 0.99
CA LEU A 236 -2.38 13.78 1.03
C LEU A 236 -2.20 15.18 1.59
N ALA A 237 -1.33 15.33 2.58
CA ALA A 237 -1.14 16.65 3.16
C ALA A 237 -0.56 17.60 2.11
N VAL A 238 0.33 17.09 1.28
CA VAL A 238 0.91 17.90 0.22
C VAL A 238 -0.17 18.45 -0.69
N LEU A 239 -1.11 17.58 -1.08
CA LEU A 239 -2.15 17.97 -2.03
C LEU A 239 -3.08 18.99 -1.41
N LYS A 240 -3.47 18.75 -0.16
CA LYS A 240 -4.34 19.69 0.55
C LYS A 240 -3.70 21.07 0.60
N LEU A 241 -2.46 21.11 1.07
CA LEU A 241 -1.71 22.35 1.17
C LEU A 241 -1.71 23.09 -0.17
N ASN A 242 -1.58 22.35 -1.25
CA ASN A 242 -1.56 23.00 -2.54
C ASN A 242 -2.89 23.63 -2.85
N GLU A 243 -3.96 22.96 -2.44
CA GLU A 243 -5.31 23.40 -2.78
C GLU A 243 -5.80 24.52 -1.87
N GLN A 244 -5.21 24.60 -0.68
CA GLN A 244 -5.50 25.70 0.24
C GLN A 244 -4.60 26.90 -0.02
N GLY A 245 -3.91 26.89 -1.16
CA GLY A 245 -3.07 28.01 -1.57
C GLY A 245 -1.81 28.17 -0.74
N LEU A 246 -1.55 27.17 0.10
CA LEU A 246 -0.52 27.34 1.12
C LEU A 246 0.91 27.24 0.58
N LEU A 247 1.14 26.31 -0.36
CA LEU A 247 2.45 26.16 -0.96
C LEU A 247 2.82 27.40 -1.74
N ASP A 248 1.84 27.97 -2.44
CA ASP A 248 2.07 29.23 -3.15
C ASP A 248 2.39 30.34 -2.14
N LYS A 249 1.65 30.38 -1.03
CA LYS A 249 1.87 31.38 0.00
C LYS A 249 3.27 31.24 0.60
N LEU A 250 3.71 30.00 0.84
CA LEU A 250 5.04 29.76 1.39
C LEU A 250 6.10 30.27 0.42
N LYS A 251 5.98 29.90 -0.84
CA LYS A 251 6.91 30.36 -1.85
C LYS A 251 6.94 31.87 -1.89
N ASN A 252 5.76 32.49 -2.01
CA ASN A 252 5.72 33.95 -2.00
C ASN A 252 6.41 34.52 -0.76
N LYS A 253 6.26 33.81 0.35
CA LYS A 253 6.84 34.27 1.61
C LYS A 253 8.33 34.38 1.50
N TRP A 254 8.97 33.26 1.20
CA TRP A 254 10.42 33.16 1.30
C TRP A 254 11.14 33.81 0.12
N TRP A 255 10.46 33.91 -1.02
CA TRP A 255 11.05 34.45 -2.23
C TRP A 255 10.81 35.94 -2.35
N TYR A 256 9.60 36.38 -2.04
CA TYR A 256 9.24 37.75 -2.35
C TYR A 256 9.01 38.67 -1.14
N ASP A 257 8.17 38.23 -0.22
CA ASP A 257 7.86 39.01 0.97
C ASP A 257 9.10 39.26 1.82
N LYS A 258 9.99 38.26 1.87
CA LYS A 258 11.23 38.39 2.60
C LYS A 258 12.37 38.72 1.65
N GLY A 259 12.03 39.02 0.41
CA GLY A 259 13.03 39.39 -0.58
C GLY A 259 13.52 40.81 -0.35
N GLU A 260 14.81 41.02 -0.52
CA GLU A 260 15.33 42.36 -0.68
C GLU A 260 14.98 42.76 -2.11
N CYS A 261 15.66 43.75 -2.68
CA CYS A 261 15.40 44.10 -4.08
C CYS A 261 13.97 44.61 -4.29
N ALA B 2 -3.92 -39.41 43.84
CA ALA B 2 -3.98 -38.20 44.66
C ALA B 2 -3.47 -36.97 43.89
N ASN B 3 -4.26 -35.92 43.86
CA ASN B 3 -3.94 -34.76 43.03
C ASN B 3 -2.59 -34.11 43.29
N LYS B 4 -1.86 -33.86 42.20
CA LYS B 4 -0.55 -33.24 42.27
C LYS B 4 -0.48 -31.98 41.39
N THR B 5 0.14 -30.93 41.90
CA THR B 5 0.28 -29.70 41.13
C THR B 5 0.80 -29.95 39.70
N VAL B 6 0.14 -29.33 38.73
CA VAL B 6 0.43 -29.54 37.31
C VAL B 6 1.70 -28.79 36.98
N VAL B 7 2.68 -29.50 36.44
CA VAL B 7 3.94 -28.85 36.12
C VAL B 7 3.87 -28.33 34.70
N VAL B 8 3.84 -27.01 34.59
CA VAL B 8 3.88 -26.36 33.31
C VAL B 8 5.31 -26.06 32.89
N THR B 9 5.69 -26.50 31.70
CA THR B 9 6.95 -26.04 31.13
C THR B 9 6.65 -24.96 30.11
N THR B 10 7.49 -23.93 30.09
CA THR B 10 7.31 -22.83 29.16
C THR B 10 8.66 -22.19 28.92
N ILE B 11 8.69 -21.15 28.10
CA ILE B 11 9.97 -20.58 27.72
C ILE B 11 9.98 -19.06 27.84
N LEU B 12 11.08 -18.51 28.34
CA LEU B 12 11.17 -17.05 28.47
C LEU B 12 11.39 -16.42 27.12
N GLU B 13 10.29 -15.97 26.52
CA GLU B 13 10.36 -15.22 25.28
C GLU B 13 9.24 -14.20 25.27
N SER B 14 9.60 -12.92 25.21
CA SER B 14 8.60 -11.87 25.19
C SER B 14 7.79 -11.92 23.89
N PRO B 15 6.49 -11.61 23.94
CA PRO B 15 5.70 -11.26 25.12
C PRO B 15 4.94 -12.43 25.72
N TYR B 16 5.31 -13.65 25.35
CA TYR B 16 4.60 -14.84 25.81
C TYR B 16 4.86 -15.05 27.30
N VAL B 17 6.12 -14.99 27.70
CA VAL B 17 6.51 -15.16 29.10
C VAL B 17 7.78 -14.37 29.42
N MET B 18 7.65 -13.42 30.35
CA MET B 18 8.76 -12.59 30.80
C MET B 18 8.81 -12.58 32.33
N MET B 19 10.02 -12.54 32.89
CA MET B 19 10.16 -12.29 34.32
C MET B 19 9.82 -10.83 34.56
N LYS B 20 9.00 -10.56 35.56
CA LYS B 20 8.64 -9.18 35.89
C LYS B 20 9.87 -8.43 36.41
N LYS B 21 9.81 -7.12 36.35
CA LYS B 21 10.93 -6.29 36.80
C LYS B 21 11.27 -6.62 38.26
N ASN B 22 10.25 -6.63 39.10
CA ASN B 22 10.40 -6.89 40.53
C ASN B 22 10.33 -8.39 40.86
N HIS B 23 10.66 -9.24 39.90
N HIS B 23 10.67 -9.24 39.90
CA HIS B 23 10.44 -10.68 40.06
CA HIS B 23 10.45 -10.68 40.07
C HIS B 23 11.10 -11.27 41.31
C HIS B 23 11.09 -11.24 41.33
N GLU B 24 12.25 -10.73 41.70
CA GLU B 24 12.97 -11.21 42.88
C GLU B 24 12.30 -10.87 44.22
N MET B 25 11.40 -9.89 44.23
CA MET B 25 10.60 -9.57 45.40
C MET B 25 9.21 -10.19 45.30
N LEU B 26 9.05 -11.08 44.32
CA LEU B 26 7.81 -11.85 44.15
C LEU B 26 8.13 -13.33 44.24
N GLU B 27 7.11 -14.17 44.10
CA GLU B 27 7.27 -15.60 44.35
C GLU B 27 6.40 -16.47 43.46
N GLY B 28 6.92 -17.64 43.08
CA GLY B 28 6.18 -18.60 42.29
C GLY B 28 5.68 -18.04 40.97
N ASN B 29 4.43 -18.35 40.66
CA ASN B 29 3.87 -18.00 39.37
C ASN B 29 3.78 -16.49 39.15
N GLU B 30 3.77 -15.73 40.24
CA GLU B 30 3.66 -14.28 40.16
C GLU B 30 4.90 -13.60 39.56
N ARG B 31 6.04 -14.32 39.54
CA ARG B 31 7.30 -13.79 38.99
C ARG B 31 7.17 -13.45 37.52
N TYR B 32 6.19 -14.07 36.86
CA TYR B 32 6.09 -14.01 35.41
C TYR B 32 4.86 -13.31 34.89
N GLU B 33 5.00 -12.69 33.74
CA GLU B 33 3.85 -12.12 33.06
C GLU B 33 3.89 -12.38 31.57
N GLY B 34 2.72 -12.29 30.95
CA GLY B 34 2.60 -12.32 29.52
C GLY B 34 1.39 -13.06 29.01
N TYR B 35 1.33 -13.16 27.70
CA TYR B 35 0.29 -13.90 27.02
C TYR B 35 0.20 -15.33 27.55
N CYS B 36 1.31 -16.07 27.49
CA CYS B 36 1.27 -17.48 27.89
C CYS B 36 1.03 -17.64 29.38
N VAL B 37 1.42 -16.64 30.15
CA VAL B 37 1.12 -16.62 31.58
C VAL B 37 -0.39 -16.40 31.78
N ASP B 38 -0.97 -15.44 31.07
CA ASP B 38 -2.41 -15.24 31.12
C ASP B 38 -3.18 -16.47 30.62
N LEU B 39 -2.65 -17.12 29.59
CA LEU B 39 -3.28 -18.28 28.99
C LEU B 39 -3.24 -19.48 29.92
N ALA B 40 -2.11 -19.69 30.60
CA ALA B 40 -2.01 -20.75 31.60
C ALA B 40 -3.08 -20.63 32.69
N ALA B 41 -3.30 -19.40 33.16
CA ALA B 41 -4.25 -19.17 34.23
C ALA B 41 -5.66 -19.50 33.78
N GLU B 42 -5.97 -19.15 32.53
CA GLU B 42 -7.30 -19.39 31.98
C GLU B 42 -7.52 -20.88 31.76
N ILE B 43 -6.50 -21.57 31.27
CA ILE B 43 -6.59 -23.02 31.15
C ILE B 43 -6.80 -23.65 32.53
N ALA B 44 -5.97 -23.26 33.49
CA ALA B 44 -6.03 -23.87 34.83
C ALA B 44 -7.39 -23.66 35.47
N LYS B 45 -7.95 -22.48 35.25
CA LYS B 45 -9.23 -22.12 35.83
C LYS B 45 -10.35 -22.96 35.21
N HIS B 46 -10.44 -22.97 33.89
CA HIS B 46 -11.48 -23.72 33.21
C HIS B 46 -11.38 -25.24 33.44
N CYS B 47 -10.15 -25.75 33.53
CA CYS B 47 -9.91 -27.17 33.74
C CYS B 47 -9.83 -27.61 35.21
N GLY B 48 -9.74 -26.63 36.11
CA GLY B 48 -9.75 -26.91 37.54
C GLY B 48 -8.53 -27.60 38.08
N PHE B 49 -7.34 -27.09 37.77
CA PHE B 49 -6.14 -27.61 38.39
C PHE B 49 -5.27 -26.49 38.91
N LYS B 50 -4.35 -26.86 39.79
CA LYS B 50 -3.28 -25.99 40.26
C LYS B 50 -2.00 -26.35 39.53
N TYR B 51 -1.16 -25.35 39.33
CA TYR B 51 -0.02 -25.47 38.46
C TYR B 51 1.10 -24.56 38.91
N LYS B 52 2.32 -25.01 38.63
CA LYS B 52 3.51 -24.21 38.79
C LYS B 52 4.14 -23.96 37.42
N LEU B 53 4.44 -22.70 37.14
CA LEU B 53 5.16 -22.35 35.91
C LEU B 53 6.64 -22.65 36.10
N THR B 54 7.20 -23.53 35.27
CA THR B 54 8.64 -23.77 35.25
C THR B 54 9.18 -23.41 33.88
N ILE B 55 10.47 -23.11 33.81
CA ILE B 55 11.06 -22.65 32.57
C ILE B 55 11.88 -23.78 31.96
N VAL B 56 11.61 -24.11 30.70
CA VAL B 56 12.28 -25.24 30.08
C VAL B 56 13.77 -25.12 30.38
N GLY B 57 14.35 -26.21 30.86
CA GLY B 57 15.74 -26.19 31.31
C GLY B 57 16.75 -25.78 30.27
N ASP B 58 16.60 -26.29 29.04
CA ASP B 58 17.61 -26.11 28.00
C ASP B 58 17.31 -24.93 27.08
N GLY B 59 16.18 -24.26 27.33
CA GLY B 59 15.87 -23.03 26.62
C GLY B 59 15.32 -23.22 25.23
N LYS B 60 15.12 -24.49 24.84
CA LYS B 60 14.65 -24.83 23.50
C LYS B 60 13.15 -25.19 23.42
N TYR B 61 12.64 -25.22 22.20
CA TYR B 61 11.24 -25.54 21.93
C TYR B 61 11.02 -27.03 21.84
N GLY B 62 11.68 -27.68 20.90
CA GLY B 62 11.60 -29.12 20.85
C GLY B 62 12.03 -29.70 19.51
N ALA B 63 13.19 -30.36 19.51
CA ALA B 63 13.64 -31.04 18.32
C ALA B 63 14.29 -32.35 18.74
N ARG B 64 14.35 -33.30 17.81
CA ARG B 64 14.99 -34.56 18.10
C ARG B 64 16.35 -34.61 17.45
N ASP B 65 17.40 -34.80 18.25
CA ASP B 65 18.72 -34.92 17.65
C ASP B 65 18.74 -36.17 16.77
N ALA B 66 19.16 -35.98 15.52
CA ALA B 66 19.15 -37.06 14.54
C ALA B 66 20.12 -38.20 14.89
N ASP B 67 21.20 -37.86 15.61
CA ASP B 67 22.18 -38.85 16.01
C ASP B 67 21.78 -39.60 17.26
N THR B 68 21.59 -38.88 18.37
CA THR B 68 21.30 -39.50 19.64
C THR B 68 19.84 -39.93 19.74
N LYS B 69 18.99 -39.30 18.93
CA LYS B 69 17.54 -39.57 18.93
C LYS B 69 16.85 -39.02 20.19
N ILE B 70 17.47 -38.05 20.84
CA ILE B 70 16.88 -37.46 22.04
C ILE B 70 16.12 -36.18 21.72
N TRP B 71 14.94 -36.03 22.30
CA TRP B 71 14.18 -34.78 22.19
C TRP B 71 14.68 -33.77 23.21
N ASN B 72 14.90 -32.54 22.74
CA ASN B 72 15.26 -31.45 23.64
C ASN B 72 14.05 -30.54 23.91
N GLY B 73 14.27 -29.49 24.69
CA GLY B 73 13.29 -28.44 24.85
C GLY B 73 12.03 -28.86 25.57
N MET B 74 10.95 -28.15 25.29
CA MET B 74 9.70 -28.38 25.97
C MET B 74 9.11 -29.73 25.56
N VAL B 75 9.20 -30.04 24.27
CA VAL B 75 8.73 -31.32 23.76
C VAL B 75 9.40 -32.42 24.57
N GLY B 76 10.72 -32.32 24.72
CA GLY B 76 11.48 -33.30 25.46
C GLY B 76 11.06 -33.45 26.91
N GLU B 77 10.74 -32.34 27.56
CA GLU B 77 10.31 -32.39 28.95
C GLU B 77 8.98 -33.12 29.06
N LEU B 78 8.17 -33.01 28.03
CA LEU B 78 6.90 -33.73 27.99
C LEU B 78 7.18 -35.19 27.64
N VAL B 79 7.95 -35.39 26.58
CA VAL B 79 8.30 -36.73 26.14
C VAL B 79 8.92 -37.56 27.26
N TYR B 80 9.68 -36.92 28.13
CA TYR B 80 10.40 -37.66 29.18
C TYR B 80 9.75 -37.51 30.54
N GLY B 81 8.56 -36.92 30.57
CA GLY B 81 7.76 -36.88 31.78
C GLY B 81 8.33 -35.97 32.85
N LYS B 82 9.04 -34.92 32.42
CA LYS B 82 9.54 -33.92 33.36
C LYS B 82 8.48 -32.82 33.56
N ALA B 83 7.51 -32.73 32.65
CA ALA B 83 6.44 -31.75 32.78
C ALA B 83 5.10 -32.31 32.30
N ASP B 84 4.00 -31.75 32.77
CA ASP B 84 2.66 -32.25 32.45
C ASP B 84 2.06 -31.52 31.27
N ILE B 85 2.45 -30.27 31.11
CA ILE B 85 1.90 -29.47 30.05
C ILE B 85 2.93 -28.43 29.62
N ALA B 86 2.89 -28.06 28.35
CA ALA B 86 3.71 -26.98 27.84
C ALA B 86 2.77 -25.92 27.29
N ILE B 87 2.91 -24.70 27.78
CA ILE B 87 2.06 -23.58 27.36
C ILE B 87 2.97 -22.46 26.88
N ALA B 88 3.05 -22.29 25.56
CA ALA B 88 4.17 -21.58 24.96
C ALA B 88 3.95 -21.46 23.46
N PRO B 89 4.68 -20.54 22.80
CA PRO B 89 4.62 -20.44 21.34
C PRO B 89 5.29 -21.67 20.73
N LEU B 90 4.68 -22.83 20.91
CA LEU B 90 5.22 -24.08 20.40
C LEU B 90 4.52 -24.46 19.11
N THR B 91 5.25 -24.45 18.01
CA THR B 91 4.60 -24.69 16.73
C THR B 91 4.17 -26.15 16.55
N ILE B 92 2.92 -26.32 16.13
CA ILE B 92 2.37 -27.64 15.86
C ILE B 92 3.00 -28.19 14.58
N THR B 93 3.84 -29.21 14.71
CA THR B 93 4.49 -29.81 13.55
C THR B 93 4.24 -31.33 13.48
N LEU B 94 4.48 -31.93 12.31
CA LEU B 94 4.32 -33.37 12.13
C LEU B 94 5.14 -34.15 13.15
N VAL B 95 6.45 -33.90 13.21
CA VAL B 95 7.33 -34.69 14.06
C VAL B 95 7.05 -34.52 15.55
N ARG B 96 6.57 -33.34 15.94
CA ARG B 96 6.12 -33.13 17.30
C ARG B 96 4.80 -33.87 17.56
N GLU B 97 3.81 -33.67 16.69
CA GLU B 97 2.54 -34.36 16.83
C GLU B 97 2.74 -35.87 17.04
N GLU B 98 3.77 -36.42 16.43
CA GLU B 98 4.05 -37.85 16.55
C GLU B 98 4.43 -38.30 17.96
N VAL B 99 5.05 -37.42 18.75
CA VAL B 99 5.49 -37.83 20.10
C VAL B 99 4.78 -37.17 21.27
N ILE B 100 3.94 -36.18 21.00
CA ILE B 100 3.16 -35.51 22.02
C ILE B 100 1.77 -35.14 21.50
N ASP B 101 0.84 -34.89 22.41
CA ASP B 101 -0.49 -34.42 22.07
C ASP B 101 -0.50 -32.89 21.94
N PHE B 102 -1.35 -32.39 21.05
CA PHE B 102 -1.51 -30.95 20.85
C PHE B 102 -2.99 -30.54 20.90
N SER B 103 -3.27 -29.45 21.58
CA SER B 103 -4.55 -28.80 21.44
C SER B 103 -4.64 -28.26 20.02
N LYS B 104 -5.83 -27.92 19.58
CA LYS B 104 -5.96 -27.10 18.39
C LYS B 104 -5.16 -25.83 18.65
N PRO B 105 -4.82 -25.09 17.58
CA PRO B 105 -3.97 -23.93 17.82
C PRO B 105 -4.69 -22.82 18.62
N PHE B 106 -3.97 -22.20 19.55
CA PHE B 106 -4.51 -21.07 20.30
C PHE B 106 -4.12 -19.78 19.59
N MET B 107 -3.19 -19.92 18.64
CA MET B 107 -2.71 -18.78 17.90
C MET B 107 -2.24 -19.24 16.55
N SER B 108 -2.47 -18.41 15.54
CA SER B 108 -2.11 -18.74 14.18
C SER B 108 -0.98 -17.81 13.74
N LEU B 109 -0.19 -18.26 12.78
CA LEU B 109 0.95 -17.44 12.35
C LEU B 109 1.46 -17.85 10.98
N GLY B 110 2.47 -17.11 10.51
CA GLY B 110 3.09 -17.38 9.23
C GLY B 110 4.46 -16.72 9.16
N ILE B 111 5.35 -17.30 8.37
CA ILE B 111 6.66 -16.72 8.13
C ILE B 111 6.46 -15.33 7.57
N SER B 112 7.24 -14.39 8.07
CA SER B 112 7.05 -12.99 7.74
C SER B 112 8.40 -12.28 7.70
N ILE B 113 8.41 -11.10 7.11
CA ILE B 113 9.63 -10.35 6.87
C ILE B 113 9.71 -9.14 7.80
N MET B 114 10.67 -9.16 8.71
CA MET B 114 11.01 -7.97 9.48
C MET B 114 12.13 -7.20 8.78
N ILE B 115 11.96 -5.89 8.61
CA ILE B 115 13.04 -5.07 8.10
C ILE B 115 13.33 -3.94 9.07
N LYS B 116 14.50 -3.35 8.93
CA LYS B 116 14.77 -2.09 9.59
C LYS B 116 14.04 -1.05 8.75
N LYS B 117 13.28 -0.17 9.40
CA LYS B 117 12.58 0.89 8.68
C LYS B 117 13.54 1.65 7.75
N GLY B 118 13.08 1.83 6.52
CA GLY B 118 13.86 2.50 5.49
C GLY B 118 14.23 1.54 4.37
N THR B 119 14.44 0.28 4.76
CA THR B 119 14.83 -0.78 3.83
C THR B 119 13.83 -0.91 2.68
N PRO B 120 14.30 -0.74 1.43
CA PRO B 120 13.43 -0.81 0.25
C PRO B 120 13.08 -2.25 -0.09
N ILE B 121 12.41 -2.91 0.85
CA ILE B 121 11.88 -4.24 0.65
C ILE B 121 10.42 -4.26 1.11
N GLU B 122 9.55 -4.87 0.32
CA GLU B 122 8.12 -4.93 0.65
C GLU B 122 7.53 -6.35 0.57
N SER B 123 8.37 -7.32 0.25
CA SER B 123 7.89 -8.67 -0.01
C SER B 123 9.03 -9.69 -0.17
N ALA B 124 8.70 -10.96 0.04
CA ALA B 124 9.60 -12.07 -0.29
C ALA B 124 10.15 -11.90 -1.70
N GLU B 125 9.27 -11.52 -2.62
CA GLU B 125 9.65 -11.33 -4.02
CA GLU B 125 9.64 -11.32 -4.01
C GLU B 125 10.78 -10.31 -4.13
N ASP B 126 10.64 -9.18 -3.46
CA ASP B 126 11.67 -8.14 -3.46
C ASP B 126 13.00 -8.73 -3.00
N LEU B 127 12.93 -9.55 -1.94
CA LEU B 127 14.11 -10.20 -1.38
C LEU B 127 14.76 -11.09 -2.42
N SER B 128 13.99 -12.03 -2.95
CA SER B 128 14.50 -13.05 -3.85
C SER B 128 15.28 -12.48 -5.02
N LYS B 129 14.92 -11.28 -5.47
CA LYS B 129 15.52 -10.69 -6.66
C LYS B 129 16.73 -9.81 -6.37
N GLN B 130 17.45 -10.07 -5.28
CA GLN B 130 18.59 -9.22 -4.93
C GLN B 130 19.54 -9.85 -3.89
N THR B 131 20.68 -9.20 -3.66
CA THR B 131 21.65 -9.65 -2.66
C THR B 131 22.24 -8.49 -1.84
N GLU B 132 22.08 -7.27 -2.33
CA GLU B 132 22.45 -6.08 -1.57
C GLU B 132 22.00 -6.20 -0.11
N ILE B 133 20.72 -6.49 0.07
CA ILE B 133 20.16 -6.67 1.38
C ILE B 133 20.18 -8.16 1.68
N ALA B 134 21.11 -8.59 2.53
CA ALA B 134 21.17 -9.98 2.97
C ALA B 134 19.93 -10.31 3.79
N TYR B 135 19.68 -11.59 3.98
CA TYR B 135 18.50 -12.01 4.72
C TYR B 135 18.56 -13.47 5.17
N GLY B 136 17.89 -13.78 6.28
CA GLY B 136 17.90 -15.13 6.79
C GLY B 136 16.86 -15.44 7.85
N THR B 137 17.08 -16.56 8.52
CA THR B 137 16.12 -17.12 9.45
C THR B 137 16.93 -17.65 10.62
N LEU B 138 16.26 -18.21 11.63
CA LEU B 138 16.94 -19.05 12.63
C LEU B 138 17.72 -20.17 11.93
N ASP B 139 18.84 -20.54 12.51
CA ASP B 139 19.65 -21.65 12.03
C ASP B 139 18.95 -23.01 12.18
N SER B 140 17.80 -23.02 12.82
CA SER B 140 17.09 -24.26 13.10
C SER B 140 15.59 -24.03 13.22
N GLY B 141 14.80 -25.02 12.84
CA GLY B 141 13.37 -24.97 13.08
C GLY B 141 12.51 -24.69 11.87
N SER B 142 11.25 -24.33 12.16
CA SER B 142 10.20 -24.29 11.15
C SER B 142 10.36 -23.28 10.01
N THR B 143 10.76 -22.05 10.35
CA THR B 143 11.02 -21.04 9.32
C THR B 143 12.12 -21.50 8.35
N LYS B 144 13.23 -21.99 8.89
CA LYS B 144 14.31 -22.47 8.05
C LYS B 144 13.85 -23.67 7.22
N GLU B 145 13.22 -24.64 7.88
CA GLU B 145 12.76 -25.86 7.23
CA GLU B 145 12.78 -25.85 7.20
C GLU B 145 11.78 -25.56 6.09
N PHE B 146 10.88 -24.60 6.31
CA PHE B 146 9.92 -24.22 5.25
C PHE B 146 10.68 -23.80 3.99
N PHE B 147 11.76 -23.06 4.18
CA PHE B 147 12.56 -22.65 3.03
C PHE B 147 13.27 -23.84 2.39
N ARG B 148 13.88 -24.69 3.22
CA ARG B 148 14.55 -25.88 2.72
C ARG B 148 13.60 -26.80 1.93
N ARG B 149 12.38 -26.98 2.43
CA ARG B 149 11.45 -27.91 1.80
C ARG B 149 10.69 -27.34 0.60
N SER B 150 10.75 -26.03 0.42
CA SER B 150 9.81 -25.38 -0.49
C SER B 150 10.05 -25.72 -1.96
N LYS B 151 8.96 -25.88 -2.71
CA LYS B 151 9.02 -26.24 -4.12
C LYS B 151 8.64 -25.06 -4.97
N ILE B 152 8.42 -23.93 -4.31
CA ILE B 152 8.06 -22.69 -4.99
C ILE B 152 9.33 -21.99 -5.39
N ALA B 153 9.37 -21.57 -6.66
CA ALA B 153 10.55 -20.97 -7.24
C ALA B 153 11.11 -19.86 -6.38
N VAL B 154 10.27 -18.87 -6.08
CA VAL B 154 10.66 -17.72 -5.25
C VAL B 154 11.25 -18.12 -3.92
N PHE B 155 10.59 -19.06 -3.25
CA PHE B 155 11.05 -19.51 -1.95
C PHE B 155 12.29 -20.37 -2.05
N ASP B 156 12.43 -21.08 -3.16
CA ASP B 156 13.62 -21.89 -3.31
C ASP B 156 14.86 -21.07 -3.67
N LYS B 157 14.70 -20.05 -4.49
CA LYS B 157 15.79 -19.12 -4.77
C LYS B 157 16.28 -18.50 -3.47
N MET B 158 15.34 -18.23 -2.56
CA MET B 158 15.74 -17.61 -1.31
C MET B 158 16.52 -18.63 -0.49
N TRP B 159 16.05 -19.87 -0.49
CA TRP B 159 16.70 -20.90 0.30
C TRP B 159 18.14 -21.14 -0.14
N THR B 160 18.36 -21.23 -1.45
CA THR B 160 19.71 -21.46 -1.94
C THR B 160 20.58 -20.21 -1.75
N TYR B 161 19.97 -19.04 -1.81
CA TYR B 161 20.68 -17.83 -1.41
C TYR B 161 21.14 -17.88 0.06
N MET B 162 20.23 -18.23 0.97
CA MET B 162 20.50 -18.19 2.41
C MET B 162 21.49 -19.29 2.77
N ARG B 163 21.27 -20.45 2.17
CA ARG B 163 22.11 -21.62 2.39
C ARG B 163 23.57 -21.38 1.94
N SER B 164 23.74 -20.69 0.82
CA SER B 164 25.08 -20.46 0.29
C SER B 164 25.72 -19.12 0.73
N ALA B 165 24.95 -18.25 1.39
CA ALA B 165 25.46 -16.91 1.72
C ALA B 165 26.62 -16.88 2.71
N GLU B 166 27.65 -16.10 2.37
CA GLU B 166 28.75 -15.85 3.28
C GLU B 166 29.00 -14.35 3.48
N PRO B 167 29.18 -13.93 4.73
CA PRO B 167 29.09 -14.80 5.90
C PRO B 167 27.64 -15.25 6.17
N SER B 168 27.49 -16.21 7.07
CA SER B 168 26.18 -16.81 7.34
C SER B 168 25.12 -15.77 7.63
N VAL B 169 23.91 -16.02 7.13
CA VAL B 169 22.82 -15.10 7.31
C VAL B 169 21.86 -15.66 8.35
N PHE B 170 22.27 -16.75 8.99
CA PHE B 170 21.44 -17.39 10.01
C PHE B 170 21.86 -16.92 11.38
N VAL B 171 20.88 -16.79 12.26
CA VAL B 171 21.13 -16.33 13.61
C VAL B 171 20.78 -17.48 14.53
N ARG B 172 21.33 -17.49 15.73
CA ARG B 172 21.11 -18.57 16.67
C ARG B 172 19.79 -18.37 17.43
N THR B 173 19.44 -17.12 17.71
CA THR B 173 18.20 -16.84 18.42
C THR B 173 17.34 -15.81 17.71
N THR B 174 16.07 -15.77 18.07
CA THR B 174 15.19 -14.74 17.53
C THR B 174 15.62 -13.35 18.01
N ALA B 175 16.29 -13.29 19.16
CA ALA B 175 16.75 -12.01 19.68
C ALA B 175 17.93 -11.51 18.84
N GLU B 176 18.83 -12.42 18.50
CA GLU B 176 19.98 -12.12 17.63
C GLU B 176 19.58 -11.66 16.22
N GLY B 177 18.54 -12.28 15.65
CA GLY B 177 18.04 -11.87 14.36
C GLY B 177 17.50 -10.45 14.42
N VAL B 178 16.66 -10.19 15.41
CA VAL B 178 16.19 -8.83 15.66
C VAL B 178 17.36 -7.86 15.89
N ALA B 179 18.28 -8.19 16.79
CA ALA B 179 19.47 -7.37 17.02
C ALA B 179 20.20 -7.10 15.71
N ARG B 180 20.25 -8.13 14.87
CA ARG B 180 20.94 -8.04 13.60
C ARG B 180 20.25 -7.10 12.60
N VAL B 181 18.92 -7.16 12.53
CA VAL B 181 18.17 -6.17 11.73
C VAL B 181 18.53 -4.77 12.23
N ARG B 182 18.41 -4.58 13.54
CA ARG B 182 18.61 -3.26 14.12
C ARG B 182 20.01 -2.71 13.91
N LYS B 183 21.01 -3.58 13.95
CA LYS B 183 22.41 -3.17 13.83
C LYS B 183 22.91 -2.93 12.39
N SER B 184 22.22 -3.49 11.41
CA SER B 184 22.80 -3.59 10.06
C SER B 184 22.49 -2.46 9.09
N LYS B 185 21.89 -1.38 9.58
CA LYS B 185 21.80 -0.18 8.77
C LYS B 185 20.95 -0.37 7.50
N GLY B 186 19.96 -1.26 7.56
CA GLY B 186 19.14 -1.54 6.40
C GLY B 186 19.73 -2.55 5.44
N LYS B 187 20.67 -3.34 5.94
CA LYS B 187 21.38 -4.28 5.10
C LYS B 187 21.06 -5.71 5.51
N TYR B 188 20.25 -5.88 6.55
CA TYR B 188 19.80 -7.21 6.91
C TYR B 188 18.29 -7.27 7.15
N ALA B 189 17.66 -8.26 6.54
CA ALA B 189 16.25 -8.54 6.76
C ALA B 189 16.16 -9.89 7.44
N TYR B 190 15.19 -10.03 8.34
CA TYR B 190 15.04 -11.25 9.11
C TYR B 190 13.69 -11.90 8.86
N LEU B 191 13.72 -13.18 8.50
CA LEU B 191 12.51 -13.97 8.29
C LEU B 191 12.15 -14.70 9.57
N LEU B 192 10.93 -14.48 10.07
CA LEU B 192 10.47 -15.05 11.34
C LEU B 192 8.94 -15.10 11.43
N GLU B 193 8.44 -15.59 12.55
CA GLU B 193 7.01 -15.73 12.80
C GLU B 193 6.27 -14.38 12.85
N SER B 194 5.25 -14.22 12.03
CA SER B 194 4.46 -12.99 11.97
C SER B 194 4.09 -12.45 13.35
N THR B 195 3.77 -13.35 14.27
CA THR B 195 3.49 -12.99 15.65
C THR B 195 4.61 -12.18 16.29
N MET B 196 5.84 -12.72 16.25
CA MET B 196 6.99 -12.00 16.78
C MET B 196 7.31 -10.75 15.98
N ASN B 197 7.16 -10.83 14.66
CA ASN B 197 7.35 -9.66 13.84
C ASN B 197 6.37 -8.55 14.26
N GLU B 198 5.09 -8.90 14.46
CA GLU B 198 4.12 -7.88 14.86
C GLU B 198 4.44 -7.29 16.23
N TYR B 199 4.92 -8.14 17.14
CA TYR B 199 5.26 -7.68 18.49
C TYR B 199 6.39 -6.66 18.49
N ILE B 200 7.51 -7.02 17.87
CA ILE B 200 8.67 -6.15 17.80
C ILE B 200 8.31 -4.80 17.16
N GLU B 201 7.43 -4.84 16.18
CA GLU B 201 6.93 -3.65 15.50
C GLU B 201 6.37 -2.63 16.49
N GLN B 202 5.90 -3.12 17.63
CA GLN B 202 5.28 -2.29 18.66
C GLN B 202 6.26 -1.99 19.79
N ARG B 203 7.51 -2.39 19.64
CA ARG B 203 8.48 -2.13 20.69
C ARG B 203 9.50 -1.07 20.31
N LYS B 204 10.05 -0.40 21.32
CA LYS B 204 11.08 0.60 21.13
C LYS B 204 12.38 -0.14 20.81
N PRO B 205 13.21 0.47 19.95
CA PRO B 205 13.04 1.83 19.44
C PRO B 205 12.07 2.02 18.27
N CYS B 206 11.13 1.09 18.05
CA CYS B 206 10.19 1.24 16.95
C CYS B 206 10.92 1.49 15.64
N ASP B 207 11.96 0.68 15.40
CA ASP B 207 12.76 0.83 14.19
C ASP B 207 12.59 -0.35 13.21
N THR B 208 11.64 -1.24 13.51
CA THR B 208 11.36 -2.37 12.63
C THR B 208 9.96 -2.37 12.01
N MET B 209 9.81 -3.07 10.91
CA MET B 209 8.51 -3.11 10.23
C MET B 209 8.24 -4.53 9.77
N LYS B 210 7.01 -4.98 9.89
CA LYS B 210 6.60 -6.22 9.24
C LYS B 210 6.20 -5.85 7.81
N VAL B 211 6.72 -6.57 6.83
CA VAL B 211 6.37 -6.32 5.42
C VAL B 211 5.96 -7.60 4.70
N GLY B 212 5.02 -7.48 3.76
CA GLY B 212 4.58 -8.61 2.98
C GLY B 212 3.55 -9.47 3.69
N GLY B 213 2.90 -10.35 2.93
CA GLY B 213 1.95 -11.29 3.50
C GLY B 213 2.67 -12.45 4.13
N ASN B 214 1.97 -13.19 4.97
CA ASN B 214 2.55 -14.41 5.51
C ASN B 214 2.90 -15.36 4.39
N LEU B 215 4.02 -16.07 4.54
CA LEU B 215 4.49 -16.91 3.48
C LEU B 215 3.84 -18.28 3.56
N ASP B 216 3.35 -18.61 4.76
CA ASP B 216 2.76 -19.91 5.01
C ASP B 216 1.88 -19.83 6.27
N SER B 217 1.33 -20.95 6.70
CA SER B 217 0.38 -20.98 7.80
C SER B 217 0.71 -22.04 8.82
N LYS B 218 0.68 -21.68 10.10
CA LYS B 218 0.95 -22.62 11.19
C LYS B 218 0.14 -22.23 12.41
N GLY B 219 0.12 -23.11 13.40
CA GLY B 219 -0.51 -22.84 14.68
C GLY B 219 0.44 -23.13 15.84
N TYR B 220 0.27 -22.41 16.94
CA TYR B 220 0.90 -22.79 18.19
C TYR B 220 -0.11 -23.64 18.93
N GLY B 221 0.36 -24.75 19.48
CA GLY B 221 -0.49 -25.63 20.23
C GLY B 221 -0.04 -25.76 21.67
N ILE B 222 -0.97 -26.12 22.54
CA ILE B 222 -0.61 -26.50 23.90
C ILE B 222 -0.36 -27.99 23.89
N ALA B 223 0.74 -28.40 24.49
CA ALA B 223 1.12 -29.79 24.38
C ALA B 223 1.08 -30.50 25.72
N THR B 224 0.76 -31.79 25.66
CA THR B 224 0.71 -32.66 26.82
C THR B 224 1.30 -34.00 26.38
N PRO B 225 1.89 -34.77 27.32
CA PRO B 225 2.43 -36.09 26.97
C PRO B 225 1.38 -36.89 26.21
N LYS B 226 1.80 -37.63 25.21
CA LYS B 226 0.90 -38.50 24.45
C LYS B 226 0.11 -39.32 25.44
N GLY B 227 -1.21 -39.33 25.30
CA GLY B 227 -2.07 -40.11 26.17
C GLY B 227 -2.42 -39.46 27.49
N SER B 228 -1.73 -38.39 27.85
CA SER B 228 -2.03 -37.67 29.09
C SER B 228 -3.54 -37.44 29.23
N SER B 229 -4.09 -37.66 30.42
CA SER B 229 -5.52 -37.45 30.66
C SER B 229 -5.91 -35.99 30.55
N LEU B 230 -4.91 -35.12 30.65
CA LEU B 230 -5.12 -33.68 30.71
C LEU B 230 -5.49 -33.05 29.35
N GLY B 231 -4.99 -33.62 28.27
CA GLY B 231 -5.09 -33.02 26.95
C GLY B 231 -6.48 -32.65 26.47
N ASN B 232 -7.44 -33.54 26.71
CA ASN B 232 -8.82 -33.34 26.28
C ASN B 232 -9.47 -32.09 26.86
N ALA B 233 -9.32 -31.91 28.16
CA ALA B 233 -9.91 -30.77 28.83
C ALA B 233 -9.18 -29.50 28.39
N VAL B 234 -7.90 -29.64 28.11
CA VAL B 234 -7.12 -28.49 27.68
C VAL B 234 -7.54 -28.06 26.27
N ASN B 235 -7.78 -29.03 25.39
CA ASN B 235 -8.20 -28.70 24.05
C ASN B 235 -9.54 -27.95 24.06
N LEU B 236 -10.49 -28.51 24.82
CA LEU B 236 -11.79 -27.90 24.98
C LEU B 236 -11.66 -26.49 25.54
N ALA B 237 -10.71 -26.29 26.45
CA ALA B 237 -10.52 -24.96 27.05
C ALA B 237 -10.02 -23.95 26.01
N VAL B 238 -9.07 -24.38 25.19
CA VAL B 238 -8.55 -23.53 24.14
C VAL B 238 -9.67 -23.11 23.19
N LEU B 239 -10.55 -24.06 22.83
CA LEU B 239 -11.60 -23.76 21.87
C LEU B 239 -12.62 -22.81 22.45
N LYS B 240 -12.97 -23.05 23.72
CA LYS B 240 -13.90 -22.19 24.44
C LYS B 240 -13.39 -20.75 24.50
N LEU B 241 -12.13 -20.61 24.93
CA LEU B 241 -11.47 -19.30 25.02
C LEU B 241 -11.39 -18.58 23.69
N ASN B 242 -11.23 -19.32 22.61
CA ASN B 242 -11.21 -18.68 21.31
C ASN B 242 -12.60 -18.16 21.00
N GLU B 243 -13.58 -19.01 21.23
CA GLU B 243 -14.96 -18.67 20.93
C GLU B 243 -15.43 -17.52 21.81
N GLN B 244 -14.93 -17.47 23.03
CA GLN B 244 -15.30 -16.41 23.96
C GLN B 244 -14.59 -15.08 23.66
N GLY B 245 -13.76 -15.08 22.63
CA GLY B 245 -12.94 -13.92 22.29
C GLY B 245 -11.79 -13.67 23.26
N LEU B 246 -11.54 -14.59 24.17
CA LEU B 246 -10.45 -14.42 25.09
C LEU B 246 -9.08 -14.40 24.42
N LEU B 247 -8.79 -15.37 23.55
CA LEU B 247 -7.48 -15.43 22.89
C LEU B 247 -7.15 -14.12 22.19
N ASP B 248 -8.10 -13.61 21.42
CA ASP B 248 -7.94 -12.34 20.73
C ASP B 248 -7.65 -11.20 21.71
N LYS B 249 -8.41 -11.18 22.81
CA LYS B 249 -8.26 -10.15 23.84
C LYS B 249 -6.84 -10.14 24.43
N LEU B 250 -6.30 -11.33 24.70
CA LEU B 250 -4.96 -11.48 25.23
C LEU B 250 -3.89 -11.03 24.25
N LYS B 251 -4.03 -11.38 22.98
CA LYS B 251 -3.03 -10.96 21.99
C LYS B 251 -3.07 -9.44 21.87
N ASN B 252 -4.27 -8.90 21.67
CA ASN B 252 -4.43 -7.46 21.66
C ASN B 252 -3.73 -6.83 22.85
N LYS B 253 -3.96 -7.39 24.04
CA LYS B 253 -3.41 -6.82 25.24
C LYS B 253 -1.90 -6.72 25.14
N TRP B 254 -1.25 -7.84 24.84
CA TRP B 254 0.19 -7.92 24.93
C TRP B 254 0.91 -7.37 23.71
N TRP B 255 0.20 -7.20 22.58
CA TRP B 255 0.82 -6.69 21.36
C TRP B 255 0.55 -5.22 21.14
N TYR B 256 -0.67 -4.79 21.40
CA TYR B 256 -1.11 -3.49 20.93
C TYR B 256 -1.48 -2.55 22.06
N ASP B 257 -2.15 -3.07 23.07
CA ASP B 257 -2.41 -2.29 24.27
C ASP B 257 -1.09 -1.92 24.99
N LYS B 258 -0.12 -2.82 24.94
CA LYS B 258 1.21 -2.52 25.47
C LYS B 258 2.04 -1.84 24.38
N GLY B 259 1.38 -1.51 23.27
CA GLY B 259 2.05 -0.87 22.14
C GLY B 259 2.94 0.27 22.61
N GLU B 260 3.91 0.64 21.77
CA GLU B 260 4.84 1.73 22.11
C GLU B 260 5.23 2.53 20.89
N CYS B 261 4.42 2.46 19.83
CA CYS B 261 4.77 3.07 18.56
C CYS B 261 3.55 3.71 17.89
N LYS C 4 -6.39 -10.46 -20.08
CA LYS C 4 -5.18 -9.89 -19.49
C LYS C 4 -4.81 -8.56 -20.14
N THR C 5 -5.21 -8.34 -21.39
CA THR C 5 -4.95 -7.05 -22.03
C THR C 5 -5.47 -5.91 -21.14
N VAL C 6 -4.59 -4.96 -20.86
CA VAL C 6 -4.89 -3.86 -19.96
C VAL C 6 -5.98 -2.96 -20.54
N VAL C 7 -7.03 -2.73 -19.76
CA VAL C 7 -8.10 -1.81 -20.13
C VAL C 7 -7.74 -0.37 -19.72
N VAL C 8 -7.51 0.46 -20.72
CA VAL C 8 -7.18 1.86 -20.51
C VAL C 8 -8.41 2.73 -20.70
N THR C 9 -8.83 3.41 -19.64
CA THR C 9 -9.90 4.39 -19.82
C THR C 9 -9.24 5.73 -20.11
N THR C 10 -9.87 6.49 -20.99
CA THR C 10 -9.37 7.81 -21.27
C THR C 10 -10.53 8.68 -21.74
N ILE C 11 -10.24 9.92 -22.13
CA ILE C 11 -11.31 10.85 -22.43
C ILE C 11 -11.06 11.63 -23.71
N LEU C 12 -12.10 11.83 -24.52
CA LEU C 12 -11.93 12.54 -25.79
C LEU C 12 -11.78 14.05 -25.61
N GLU C 13 -10.54 14.48 -25.37
CA GLU C 13 -10.26 15.90 -25.16
C GLU C 13 -9.05 16.22 -26.01
N SER C 14 -9.18 17.20 -26.91
CA SER C 14 -8.07 17.55 -27.79
C SER C 14 -7.01 18.32 -27.02
N PRO C 15 -5.73 18.04 -27.29
CA PRO C 15 -5.17 17.10 -28.27
C PRO C 15 -4.66 15.83 -27.61
N TYR C 16 -5.10 15.57 -26.38
CA TYR C 16 -4.68 14.37 -25.66
C TYR C 16 -5.16 13.11 -26.37
N VAL C 17 -6.47 13.06 -26.62
CA VAL C 17 -7.06 11.95 -27.35
C VAL C 17 -8.12 12.49 -28.30
N MET C 18 -8.04 12.05 -29.55
CA MET C 18 -8.91 12.53 -30.61
C MET C 18 -9.28 11.41 -31.56
N MET C 19 -10.57 11.30 -31.84
CA MET C 19 -11.04 10.37 -32.84
C MET C 19 -10.69 10.91 -34.21
N LYS C 20 -9.84 10.18 -34.95
CA LYS C 20 -9.47 10.55 -36.32
C LYS C 20 -10.74 10.63 -37.17
N LYS C 21 -10.90 11.73 -37.91
CA LYS C 21 -12.17 12.00 -38.59
C LYS C 21 -12.64 10.83 -39.49
N ASN C 22 -11.68 10.07 -40.01
CA ASN C 22 -11.96 8.87 -40.80
C ASN C 22 -12.05 7.61 -39.95
N HIS C 23 -12.60 7.72 -38.74
CA HIS C 23 -12.45 6.65 -37.74
C HIS C 23 -13.26 5.40 -38.04
N GLU C 24 -14.23 5.49 -38.93
CA GLU C 24 -15.07 4.33 -39.24
C GLU C 24 -14.42 3.40 -40.25
N MET C 25 -13.29 3.82 -40.78
CA MET C 25 -12.46 2.95 -41.61
C MET C 25 -11.40 2.28 -40.74
N LEU C 26 -11.14 2.87 -39.58
CA LEU C 26 -10.11 2.39 -38.67
C LEU C 26 -10.71 1.43 -37.66
N GLU C 27 -9.87 0.85 -36.81
CA GLU C 27 -10.34 0.00 -35.73
C GLU C 27 -9.47 0.07 -34.48
N GLY C 28 -10.10 -0.17 -33.32
CA GLY C 28 -9.39 -0.27 -32.05
C GLY C 28 -8.59 0.97 -31.72
N ASN C 29 -7.39 0.76 -31.18
CA ASN C 29 -6.55 1.86 -30.76
C ASN C 29 -6.27 2.86 -31.87
N GLU C 30 -6.22 2.36 -33.10
CA GLU C 30 -5.84 3.19 -34.23
C GLU C 30 -6.92 4.16 -34.66
N ARG C 31 -8.11 4.02 -34.07
CA ARG C 31 -9.18 4.99 -34.26
C ARG C 31 -8.80 6.31 -33.61
N TYR C 32 -7.83 6.27 -32.70
CA TYR C 32 -7.49 7.43 -31.88
C TYR C 32 -6.07 7.91 -32.09
N GLU C 33 -5.88 9.22 -31.93
CA GLU C 33 -4.57 9.81 -31.97
C GLU C 33 -4.47 10.93 -30.96
N GLY C 34 -3.23 11.28 -30.61
CA GLY C 34 -2.99 12.42 -29.75
C GLY C 34 -1.94 12.17 -28.70
N TYR C 35 -1.69 13.19 -27.89
CA TYR C 35 -0.71 13.10 -26.82
C TYR C 35 -0.91 11.89 -25.89
N CYS C 36 -2.14 11.64 -25.43
CA CYS C 36 -2.34 10.50 -24.51
C CYS C 36 -2.25 9.14 -25.21
N VAL C 37 -2.56 9.11 -26.50
CA VAL C 37 -2.43 7.87 -27.26
C VAL C 37 -0.96 7.48 -27.36
N ASP C 38 -0.12 8.46 -27.70
CA ASP C 38 1.32 8.25 -27.71
C ASP C 38 1.84 7.89 -26.33
N LEU C 39 1.48 8.70 -25.34
CA LEU C 39 1.80 8.43 -23.94
C LEU C 39 1.38 7.03 -23.52
N ALA C 40 0.16 6.64 -23.86
CA ALA C 40 -0.28 5.29 -23.56
C ALA C 40 0.68 4.25 -24.14
N ALA C 41 1.11 4.47 -25.39
CA ALA C 41 1.99 3.50 -26.04
C ALA C 41 3.36 3.42 -25.37
N GLU C 42 3.91 4.58 -25.01
CA GLU C 42 5.19 4.63 -24.32
C GLU C 42 5.15 3.88 -23.00
N ILE C 43 4.04 4.02 -22.29
CA ILE C 43 3.86 3.40 -20.99
C ILE C 43 3.77 1.90 -21.12
N ALA C 44 3.01 1.43 -22.11
CA ALA C 44 2.81 0.01 -22.27
C ALA C 44 4.12 -0.63 -22.66
N LYS C 45 4.86 0.07 -23.50
CA LYS C 45 6.16 -0.40 -23.98
C LYS C 45 7.14 -0.57 -22.84
N HIS C 46 7.22 0.44 -21.98
CA HIS C 46 8.10 0.39 -20.83
C HIS C 46 7.59 -0.51 -19.71
N CYS C 47 6.27 -0.68 -19.62
CA CYS C 47 5.69 -1.59 -18.61
C CYS C 47 5.41 -2.97 -19.21
N GLY C 48 5.67 -3.11 -20.50
CA GLY C 48 5.55 -4.40 -21.16
C GLY C 48 4.17 -4.99 -21.02
N PHE C 49 3.17 -4.33 -21.58
CA PHE C 49 1.84 -4.87 -21.59
C PHE C 49 1.06 -4.44 -22.82
N LYS C 50 -0.10 -5.05 -23.01
CA LYS C 50 -0.95 -4.82 -24.17
C LYS C 50 -2.27 -4.24 -23.69
N TYR C 51 -2.82 -3.33 -24.46
CA TYR C 51 -3.90 -2.51 -23.95
C TYR C 51 -4.96 -2.16 -24.97
N LYS C 52 -6.18 -1.93 -24.48
CA LYS C 52 -7.23 -1.37 -25.31
C LYS C 52 -7.56 0.03 -24.78
N LEU C 53 -7.74 0.97 -25.71
CA LEU C 53 -8.18 2.30 -25.35
C LEU C 53 -9.71 2.34 -25.35
N THR C 54 -10.28 2.81 -24.24
CA THR C 54 -11.73 2.85 -24.10
C THR C 54 -12.16 4.19 -23.53
N ILE C 55 -12.92 4.95 -24.31
CA ILE C 55 -13.40 6.23 -23.85
C ILE C 55 -14.40 6.05 -22.71
N VAL C 56 -14.26 6.86 -21.66
CA VAL C 56 -15.08 6.75 -20.46
C VAL C 56 -16.55 7.03 -20.75
N GLY C 57 -17.41 6.09 -20.34
CA GLY C 57 -18.81 6.07 -20.77
C GLY C 57 -19.58 7.36 -20.63
N ASP C 58 -19.26 8.14 -19.60
CA ASP C 58 -20.00 9.39 -19.37
C ASP C 58 -19.27 10.65 -19.81
N GLY C 59 -18.00 10.53 -20.19
CA GLY C 59 -17.25 11.67 -20.69
C GLY C 59 -16.77 12.64 -19.62
N LYS C 60 -16.80 12.21 -18.36
CA LYS C 60 -16.35 13.05 -17.26
C LYS C 60 -14.99 12.60 -16.75
N TYR C 61 -14.29 13.50 -16.06
CA TYR C 61 -12.97 13.18 -15.52
C TYR C 61 -13.04 12.35 -14.24
N GLY C 62 -13.81 12.83 -13.26
CA GLY C 62 -13.97 12.11 -12.02
C GLY C 62 -14.36 13.02 -10.86
N ALA C 63 -15.63 12.97 -10.47
CA ALA C 63 -16.08 13.74 -9.33
C ALA C 63 -17.11 12.91 -8.56
N ARG C 64 -17.16 13.11 -7.24
CA ARG C 64 -18.11 12.39 -6.40
C ARG C 64 -19.40 13.19 -6.21
N ASP C 65 -20.54 12.54 -6.44
CA ASP C 65 -21.83 13.19 -6.25
C ASP C 65 -22.04 13.52 -4.78
N ALA C 66 -22.37 14.78 -4.49
CA ALA C 66 -22.50 15.24 -3.11
C ALA C 66 -23.57 14.43 -2.37
N ASP C 67 -24.58 13.99 -3.11
CA ASP C 67 -25.68 13.21 -2.55
C ASP C 67 -25.39 11.70 -2.55
N THR C 68 -25.36 11.11 -3.73
CA THR C 68 -25.22 9.65 -3.85
C THR C 68 -23.83 9.13 -3.49
N LYS C 69 -22.86 10.02 -3.31
CA LYS C 69 -21.51 9.63 -2.95
C LYS C 69 -20.89 8.76 -4.04
N ILE C 70 -21.46 8.84 -5.23
CA ILE C 70 -20.97 8.00 -6.33
C ILE C 70 -19.97 8.75 -7.22
N TRP C 71 -18.82 8.10 -7.45
CA TRP C 71 -17.77 8.61 -8.34
C TRP C 71 -18.15 8.42 -9.79
N ASN C 72 -18.19 9.53 -10.53
CA ASN C 72 -18.43 9.46 -11.98
C ASN C 72 -17.13 9.50 -12.78
N GLY C 73 -17.26 9.43 -14.10
CA GLY C 73 -16.13 9.63 -14.99
C GLY C 73 -15.08 8.53 -14.97
N MET C 74 -13.85 8.92 -15.30
CA MET C 74 -12.74 7.99 -15.36
C MET C 74 -12.35 7.49 -13.97
N VAL C 75 -12.46 8.37 -12.97
CA VAL C 75 -12.19 7.95 -11.60
C VAL C 75 -13.18 6.86 -11.21
N GLY C 76 -14.45 7.10 -11.54
CA GLY C 76 -15.50 6.13 -11.31
C GLY C 76 -15.20 4.79 -11.95
N GLU C 77 -14.66 4.81 -13.18
CA GLU C 77 -14.29 3.56 -13.85
C GLU C 77 -13.20 2.81 -13.10
N LEU C 78 -12.23 3.54 -12.55
CA LEU C 78 -11.17 2.91 -11.77
C LEU C 78 -11.64 2.44 -10.39
N VAL C 79 -12.39 3.31 -9.70
CA VAL C 79 -12.84 3.04 -8.34
C VAL C 79 -13.82 1.88 -8.32
N TYR C 80 -14.63 1.74 -9.37
CA TYR C 80 -15.62 0.67 -9.38
C TYR C 80 -15.17 -0.56 -10.15
N GLY C 81 -13.94 -0.51 -10.67
CA GLY C 81 -13.30 -1.69 -11.22
C GLY C 81 -13.63 -1.96 -12.67
N LYS C 82 -13.96 -0.90 -13.42
CA LYS C 82 -14.34 -1.05 -14.81
C LYS C 82 -13.16 -0.77 -15.75
N ALA C 83 -12.05 -0.31 -15.19
CA ALA C 83 -10.87 -0.02 -16.01
C ALA C 83 -9.60 -0.25 -15.21
N ASP C 84 -8.53 -0.65 -15.90
CA ASP C 84 -7.29 -0.99 -15.22
C ASP C 84 -6.42 0.24 -15.01
N ILE C 85 -6.58 1.21 -15.89
CA ILE C 85 -5.73 2.37 -15.86
C ILE C 85 -6.38 3.50 -16.64
N ALA C 86 -6.12 4.72 -16.19
CA ALA C 86 -6.60 5.90 -16.87
C ALA C 86 -5.40 6.74 -17.26
N ILE C 87 -5.29 7.00 -18.56
CA ILE C 87 -4.17 7.76 -19.12
C ILE C 87 -4.73 8.97 -19.86
N ALA C 88 -4.85 10.08 -19.14
CA ALA C 88 -5.68 11.20 -19.57
C ALA C 88 -5.27 12.49 -18.87
N PRO C 89 -5.73 13.65 -19.36
CA PRO C 89 -5.43 14.90 -18.65
C PRO C 89 -6.28 15.00 -17.38
N LEU C 90 -5.97 14.11 -16.44
CA LEU C 90 -6.75 13.96 -15.22
C LEU C 90 -6.01 14.64 -14.08
N THR C 91 -6.51 15.78 -13.62
CA THR C 91 -5.81 16.54 -12.60
C THR C 91 -5.64 15.73 -11.30
N ILE C 92 -4.44 15.77 -10.73
CA ILE C 92 -4.19 15.10 -9.47
C ILE C 92 -4.74 15.98 -8.37
N THR C 93 -5.67 15.45 -7.59
CA THR C 93 -6.34 16.24 -6.58
C THR C 93 -6.47 15.42 -5.31
N LEU C 94 -6.69 16.10 -4.19
CA LEU C 94 -6.82 15.40 -2.91
C LEU C 94 -7.91 14.32 -2.91
N VAL C 95 -9.13 14.71 -3.27
CA VAL C 95 -10.26 13.81 -3.18
C VAL C 95 -10.09 12.59 -4.06
N ARG C 96 -9.50 12.79 -5.24
CA ARG C 96 -9.22 11.70 -6.17
C ARG C 96 -8.07 10.85 -5.65
N GLU C 97 -7.02 11.50 -5.14
CA GLU C 97 -5.89 10.79 -4.59
C GLU C 97 -6.30 9.85 -3.45
N GLU C 98 -7.35 10.22 -2.72
CA GLU C 98 -7.83 9.40 -1.61
C GLU C 98 -8.46 8.09 -2.07
N VAL C 99 -8.84 8.01 -3.34
CA VAL C 99 -9.58 6.83 -3.83
C VAL C 99 -8.92 6.09 -5.01
N ILE C 100 -7.91 6.71 -5.61
CA ILE C 100 -7.14 6.00 -6.63
C ILE C 100 -5.66 6.27 -6.45
N ASP C 101 -4.83 5.49 -7.13
CA ASP C 101 -3.40 5.78 -7.20
C ASP C 101 -3.09 6.62 -8.42
N PHE C 102 -2.28 7.64 -8.21
CA PHE C 102 -1.74 8.45 -9.31
C PHE C 102 -0.24 8.21 -9.48
N SER C 103 0.26 8.32 -10.71
CA SER C 103 1.71 8.42 -10.89
C SER C 103 2.08 9.84 -10.54
N LYS C 104 3.37 10.13 -10.48
CA LYS C 104 3.79 11.51 -10.47
C LYS C 104 3.27 12.14 -11.76
N PRO C 105 3.14 13.47 -11.78
CA PRO C 105 2.58 14.18 -12.94
C PRO C 105 3.38 13.96 -14.22
N PHE C 106 2.70 13.60 -15.31
CA PHE C 106 3.37 13.50 -16.60
C PHE C 106 3.37 14.84 -17.30
N MET C 107 2.59 15.76 -16.73
CA MET C 107 2.46 17.10 -17.28
C MET C 107 1.98 18.03 -16.17
N SER C 108 2.50 19.25 -16.17
CA SER C 108 2.14 20.23 -15.17
C SER C 108 1.40 21.37 -15.84
N LEU C 109 0.54 22.03 -15.07
CA LEU C 109 -0.29 23.10 -15.59
C LEU C 109 -0.70 24.05 -14.47
N GLY C 110 -1.52 25.02 -14.82
CA GLY C 110 -2.06 25.97 -13.87
C GLY C 110 -3.20 26.74 -14.52
N ILE C 111 -4.08 27.32 -13.71
CA ILE C 111 -5.14 28.14 -14.25
C ILE C 111 -4.55 29.36 -14.96
N SER C 112 -5.01 29.61 -16.19
CA SER C 112 -4.60 30.79 -16.92
C SER C 112 -5.78 31.46 -17.63
N ILE C 113 -5.51 32.58 -18.28
CA ILE C 113 -6.54 33.41 -18.88
C ILE C 113 -6.48 33.35 -20.41
N MET C 114 -7.57 32.92 -21.03
CA MET C 114 -7.67 32.99 -22.48
C MET C 114 -8.40 34.26 -22.91
N ILE C 115 -7.78 35.06 -23.76
CA ILE C 115 -8.45 36.22 -24.31
C ILE C 115 -8.55 36.11 -25.82
N LYS C 116 -9.47 36.85 -26.41
CA LYS C 116 -9.48 37.01 -27.86
C LYS C 116 -8.40 38.04 -28.11
N LYS C 117 -7.57 37.81 -29.12
CA LYS C 117 -6.52 38.78 -29.41
C LYS C 117 -7.09 40.19 -29.45
N GLY C 118 -6.37 41.11 -28.81
CA GLY C 118 -6.74 42.50 -28.84
C GLY C 118 -7.45 42.95 -27.58
N THR C 119 -7.81 41.99 -26.75
CA THR C 119 -8.48 42.30 -25.49
C THR C 119 -7.55 42.95 -24.49
N PRO C 120 -7.94 44.12 -23.95
CA PRO C 120 -7.07 44.90 -23.08
C PRO C 120 -6.95 44.33 -21.66
N ILE C 121 -6.54 43.07 -21.57
CA ILE C 121 -6.38 42.39 -20.31
C ILE C 121 -5.07 41.59 -20.28
N GLU C 122 -4.28 41.78 -19.23
CA GLU C 122 -2.97 41.14 -19.13
C GLU C 122 -2.86 40.22 -17.94
N SER C 123 -3.78 40.35 -16.99
CA SER C 123 -3.67 39.57 -15.76
C SER C 123 -5.01 39.32 -15.09
N ALA C 124 -5.03 38.38 -14.14
CA ALA C 124 -6.17 38.17 -13.26
C ALA C 124 -6.44 39.48 -12.56
N GLU C 125 -5.38 40.09 -12.05
CA GLU C 125 -5.49 41.40 -11.42
C GLU C 125 -6.28 42.35 -12.32
N ASP C 126 -5.88 42.43 -13.59
CA ASP C 126 -6.60 43.24 -14.58
C ASP C 126 -8.08 42.90 -14.67
N LEU C 127 -8.39 41.61 -14.76
CA LEU C 127 -9.76 41.14 -14.85
C LEU C 127 -10.56 41.59 -13.64
N SER C 128 -9.99 41.39 -12.46
CA SER C 128 -10.67 41.68 -11.21
C SER C 128 -11.03 43.15 -11.06
N LYS C 129 -10.33 44.01 -11.79
CA LYS C 129 -10.44 45.45 -11.60
C LYS C 129 -11.39 46.11 -12.60
N GLN C 130 -12.37 45.35 -13.09
CA GLN C 130 -13.27 45.85 -14.13
C GLN C 130 -14.37 44.85 -14.38
N THR C 131 -15.34 45.24 -15.20
CA THR C 131 -16.51 44.43 -15.48
C THR C 131 -16.90 44.49 -16.95
N GLU C 132 -16.38 45.49 -17.67
CA GLU C 132 -16.63 45.66 -19.09
C GLU C 132 -16.42 44.35 -19.86
N ILE C 133 -15.32 43.67 -19.55
CA ILE C 133 -15.03 42.39 -20.15
C ILE C 133 -15.45 41.31 -19.15
N ALA C 134 -16.44 40.50 -19.54
CA ALA C 134 -16.89 39.42 -18.67
C ALA C 134 -15.91 38.26 -18.72
N TYR C 135 -15.91 37.44 -17.68
CA TYR C 135 -14.96 36.34 -17.59
C TYR C 135 -15.45 35.20 -16.72
N GLY C 136 -15.26 33.98 -17.18
CA GLY C 136 -15.78 32.84 -16.45
C GLY C 136 -14.97 31.57 -16.51
N THR C 137 -15.54 30.52 -15.95
CA THR C 137 -14.88 29.23 -15.86
C THR C 137 -15.86 28.16 -16.27
N LEU C 138 -15.38 26.93 -16.38
CA LEU C 138 -16.27 25.78 -16.56
C LEU C 138 -17.25 25.77 -15.38
N ASP C 139 -18.51 25.46 -15.64
CA ASP C 139 -19.52 25.50 -14.59
C ASP C 139 -19.24 24.51 -13.44
N SER C 140 -18.11 23.80 -13.53
CA SER C 140 -17.72 22.86 -12.49
C SER C 140 -16.27 22.41 -12.65
N GLY C 141 -15.64 21.96 -11.56
CA GLY C 141 -14.31 21.38 -11.67
C GLY C 141 -13.18 22.10 -10.95
N SER C 142 -11.95 21.67 -11.24
CA SER C 142 -10.75 22.23 -10.62
C SER C 142 -10.66 23.75 -10.67
N THR C 143 -10.99 24.31 -11.84
CA THR C 143 -10.91 25.76 -12.07
C THR C 143 -11.97 26.59 -11.33
N LYS C 144 -13.23 26.16 -11.37
CA LYS C 144 -14.27 26.84 -10.59
C LYS C 144 -13.93 26.78 -9.09
N GLU C 145 -13.73 25.56 -8.60
CA GLU C 145 -13.39 25.30 -7.20
C GLU C 145 -12.25 26.18 -6.71
N PHE C 146 -11.29 26.47 -7.58
CA PHE C 146 -10.12 27.25 -7.20
C PHE C 146 -10.57 28.65 -6.78
N PHE C 147 -11.49 29.22 -7.53
CA PHE C 147 -11.93 30.57 -7.24
C PHE C 147 -12.84 30.61 -6.02
N ARG C 148 -13.75 29.64 -5.94
CA ARG C 148 -14.64 29.53 -4.80
C ARG C 148 -13.87 29.44 -3.47
N ARG C 149 -12.70 28.82 -3.50
CA ARG C 149 -11.99 28.54 -2.26
C ARG C 149 -10.91 29.55 -1.92
N SER C 150 -10.51 30.35 -2.89
CA SER C 150 -9.33 31.19 -2.71
C SER C 150 -9.46 32.20 -1.56
N LYS C 151 -8.38 32.33 -0.80
CA LYS C 151 -8.27 33.31 0.26
C LYS C 151 -7.60 34.58 -0.26
N ILE C 152 -7.15 34.52 -1.51
CA ILE C 152 -6.50 35.65 -2.17
C ILE C 152 -7.52 36.74 -2.52
N ALA C 153 -7.17 37.99 -2.23
CA ALA C 153 -8.08 39.11 -2.43
C ALA C 153 -8.53 39.22 -3.89
N VAL C 154 -7.57 39.23 -4.82
CA VAL C 154 -7.87 39.32 -6.25
C VAL C 154 -8.77 38.18 -6.73
N PHE C 155 -8.42 36.94 -6.38
CA PHE C 155 -9.18 35.77 -6.78
C PHE C 155 -10.57 35.75 -6.15
N ASP C 156 -10.65 36.16 -4.90
CA ASP C 156 -11.91 36.26 -4.18
C ASP C 156 -12.90 37.20 -4.88
N LYS C 157 -12.41 38.38 -5.25
CA LYS C 157 -13.22 39.34 -6.01
C LYS C 157 -13.69 38.78 -7.34
N MET C 158 -12.84 37.99 -7.97
CA MET C 158 -13.21 37.39 -9.24
C MET C 158 -14.31 36.36 -9.05
N TRP C 159 -14.24 35.62 -7.95
CA TRP C 159 -15.23 34.58 -7.67
C TRP C 159 -16.57 35.20 -7.41
N THR C 160 -16.57 36.22 -6.56
CA THR C 160 -17.81 36.92 -6.23
C THR C 160 -18.42 37.51 -7.49
N TYR C 161 -17.59 38.15 -8.31
CA TYR C 161 -18.08 38.65 -9.60
C TYR C 161 -18.66 37.51 -10.44
N MET C 162 -17.88 36.46 -10.65
CA MET C 162 -18.31 35.36 -11.50
C MET C 162 -19.62 34.74 -11.01
N ARG C 163 -19.69 34.43 -9.72
CA ARG C 163 -20.87 33.80 -9.16
C ARG C 163 -22.14 34.64 -9.35
N SER C 164 -22.02 35.93 -9.20
CA SER C 164 -23.18 36.81 -9.26
C SER C 164 -23.42 37.42 -10.64
N ALA C 165 -22.58 37.08 -11.60
CA ALA C 165 -22.66 37.68 -12.93
C ALA C 165 -23.87 37.18 -13.74
N GLU C 166 -24.54 38.12 -14.39
CA GLU C 166 -25.66 37.82 -15.27
C GLU C 166 -25.51 38.59 -16.58
N PRO C 167 -25.70 37.91 -17.72
CA PRO C 167 -26.03 36.48 -17.79
C PRO C 167 -24.88 35.63 -17.29
N SER C 168 -25.11 34.33 -17.16
CA SER C 168 -24.10 33.45 -16.58
C SER C 168 -22.76 33.57 -17.34
N VAL C 169 -21.64 33.62 -16.60
CA VAL C 169 -20.32 33.63 -17.24
C VAL C 169 -19.71 32.24 -17.24
N PHE C 170 -20.44 31.28 -16.67
CA PHE C 170 -19.98 29.92 -16.65
C PHE C 170 -20.44 29.20 -17.90
N VAL C 171 -19.59 28.32 -18.43
CA VAL C 171 -19.92 27.48 -19.58
C VAL C 171 -19.83 26.00 -19.23
N ARG C 172 -20.57 25.19 -19.97
CA ARG C 172 -20.65 23.77 -19.68
C ARG C 172 -19.43 23.00 -20.18
N THR C 173 -18.85 23.43 -21.30
CA THR C 173 -17.76 22.68 -21.89
C THR C 173 -16.63 23.61 -22.33
N THR C 174 -15.45 23.03 -22.52
CA THR C 174 -14.31 23.77 -23.03
C THR C 174 -14.66 24.41 -24.38
N ALA C 175 -15.20 23.62 -25.29
CA ALA C 175 -15.54 24.14 -26.62
C ALA C 175 -16.46 25.36 -26.48
N GLU C 176 -17.38 25.29 -25.54
CA GLU C 176 -18.30 26.38 -25.31
C GLU C 176 -17.54 27.64 -24.89
N GLY C 177 -16.70 27.49 -23.88
CA GLY C 177 -15.85 28.57 -23.40
C GLY C 177 -14.95 29.14 -24.49
N VAL C 178 -14.36 28.27 -25.29
CA VAL C 178 -13.54 28.74 -26.39
C VAL C 178 -14.40 29.48 -27.41
N ALA C 179 -15.53 28.91 -27.78
CA ALA C 179 -16.37 29.55 -28.78
C ALA C 179 -16.86 30.90 -28.26
N ARG C 180 -17.11 30.96 -26.96
CA ARG C 180 -17.69 32.16 -26.38
C ARG C 180 -16.67 33.29 -26.41
N VAL C 181 -15.42 32.96 -26.11
CA VAL C 181 -14.36 33.94 -26.21
C VAL C 181 -14.25 34.41 -27.66
N ARG C 182 -14.29 33.45 -28.57
CA ARG C 182 -14.07 33.72 -29.99
C ARG C 182 -15.12 34.62 -30.61
N LYS C 183 -16.35 34.57 -30.09
CA LYS C 183 -17.46 35.29 -30.71
C LYS C 183 -17.94 36.52 -29.93
N SER C 184 -17.41 36.71 -28.73
CA SER C 184 -17.85 37.82 -27.88
C SER C 184 -17.10 39.12 -28.14
N LYS C 185 -16.42 39.18 -29.28
CA LYS C 185 -15.77 40.41 -29.73
C LYS C 185 -14.86 41.03 -28.65
N GLY C 186 -14.18 40.16 -27.89
CA GLY C 186 -13.34 40.60 -26.80
C GLY C 186 -14.10 41.09 -25.57
N LYS C 187 -15.36 40.68 -25.44
CA LYS C 187 -16.18 41.01 -24.27
C LYS C 187 -16.21 39.87 -23.26
N TYR C 188 -15.53 38.78 -23.58
CA TYR C 188 -15.48 37.64 -22.67
C TYR C 188 -14.09 36.99 -22.65
N ALA C 189 -13.58 36.71 -21.45
CA ALA C 189 -12.39 35.89 -21.32
C ALA C 189 -12.67 34.63 -20.52
N TYR C 190 -12.05 33.53 -20.93
CA TYR C 190 -12.28 32.24 -20.32
C TYR C 190 -11.12 31.92 -19.40
N LEU C 191 -11.41 31.42 -18.22
CA LEU C 191 -10.38 30.98 -17.30
C LEU C 191 -10.31 29.46 -17.38
N LEU C 192 -9.15 28.93 -17.76
CA LEU C 192 -9.03 27.49 -18.02
C LEU C 192 -7.61 27.01 -17.79
N GLU C 193 -7.42 25.70 -17.93
CA GLU C 193 -6.10 25.09 -17.79
C GLU C 193 -5.13 25.65 -18.81
N SER C 194 -3.91 25.93 -18.34
CA SER C 194 -2.89 26.55 -19.17
C SER C 194 -2.57 25.64 -20.34
N THR C 195 -2.72 24.35 -20.13
CA THR C 195 -2.41 23.39 -21.16
C THR C 195 -3.33 23.57 -22.35
N MET C 196 -4.62 23.70 -22.06
CA MET C 196 -5.65 23.89 -23.07
C MET C 196 -5.54 25.27 -23.70
N ASN C 197 -5.29 26.28 -22.87
CA ASN C 197 -5.07 27.65 -23.34
C ASN C 197 -3.96 27.67 -24.39
N GLU C 198 -2.88 26.93 -24.11
CA GLU C 198 -1.70 26.88 -24.97
C GLU C 198 -1.97 26.16 -26.29
N TYR C 199 -2.92 25.23 -26.26
CA TYR C 199 -3.24 24.42 -27.44
C TYR C 199 -4.13 25.23 -28.36
N ILE C 200 -5.11 25.89 -27.78
CA ILE C 200 -6.08 26.65 -28.55
C ILE C 200 -5.37 27.82 -29.20
N GLU C 201 -4.32 28.29 -28.55
CA GLU C 201 -3.49 29.36 -29.10
C GLU C 201 -2.89 28.97 -30.45
N GLN C 202 -2.67 27.67 -30.66
CA GLN C 202 -2.00 27.21 -31.88
C GLN C 202 -3.00 26.62 -32.87
N ARG C 203 -4.29 26.90 -32.66
CA ARG C 203 -5.33 26.41 -33.54
C ARG C 203 -6.03 27.54 -34.30
N LYS C 204 -6.47 27.24 -35.51
CA LYS C 204 -7.15 28.24 -36.32
C LYS C 204 -8.51 28.52 -35.68
N PRO C 205 -9.01 29.75 -35.79
CA PRO C 205 -8.48 30.93 -36.50
C PRO C 205 -7.26 31.64 -35.89
N CYS C 206 -6.57 31.05 -34.92
CA CYS C 206 -5.43 31.74 -34.32
C CYS C 206 -5.86 33.12 -33.80
N ASP C 207 -7.00 33.17 -33.13
CA ASP C 207 -7.54 34.46 -32.65
C ASP C 207 -7.56 34.56 -31.12
N THR C 208 -6.92 33.60 -30.46
CA THR C 208 -6.84 33.60 -29.01
C THR C 208 -5.41 33.72 -28.52
N MET C 209 -5.30 34.09 -27.26
CA MET C 209 -4.00 34.36 -26.66
C MET C 209 -4.06 34.01 -25.18
N LYS C 210 -3.01 33.36 -24.68
CA LYS C 210 -2.84 33.15 -23.25
C LYS C 210 -2.12 34.37 -22.70
N VAL C 211 -2.52 34.84 -21.52
CA VAL C 211 -1.90 36.00 -20.91
C VAL C 211 -1.79 35.81 -19.40
N GLY C 212 -0.99 36.64 -18.76
CA GLY C 212 -0.76 36.52 -17.34
C GLY C 212 -0.04 35.24 -16.96
N GLY C 213 0.48 35.21 -15.74
CA GLY C 213 1.08 34.00 -15.21
C GLY C 213 -0.01 33.02 -14.81
N ASN C 214 0.36 31.76 -14.64
CA ASN C 214 -0.57 30.81 -14.09
C ASN C 214 -1.01 31.27 -12.69
N LEU C 215 -2.23 30.91 -12.29
CA LEU C 215 -2.74 31.33 -11.00
C LEU C 215 -2.36 30.31 -9.94
N ASP C 216 -2.27 29.05 -10.37
CA ASP C 216 -1.86 27.99 -9.45
C ASP C 216 -1.03 26.95 -10.20
N SER C 217 -0.71 25.85 -9.51
CA SER C 217 0.11 24.77 -10.05
C SER C 217 -0.58 23.46 -9.74
N LYS C 218 -0.64 22.61 -10.76
CA LYS C 218 -1.26 21.30 -10.65
C LYS C 218 -0.56 20.39 -11.65
N GLY C 219 -0.88 19.11 -11.59
CA GLY C 219 -0.39 18.17 -12.56
C GLY C 219 -1.45 17.16 -12.93
N TYR C 220 -1.36 16.65 -14.14
CA TYR C 220 -2.13 15.46 -14.52
C TYR C 220 -1.30 14.23 -14.20
N GLY C 221 -1.95 13.18 -13.75
CA GLY C 221 -1.25 11.97 -13.42
C GLY C 221 -1.95 10.80 -14.06
N ILE C 222 -1.23 9.69 -14.20
CA ILE C 222 -1.85 8.45 -14.61
C ILE C 222 -2.39 7.76 -13.37
N ALA C 223 -3.67 7.38 -13.42
CA ALA C 223 -4.30 6.75 -12.26
C ALA C 223 -4.52 5.26 -12.43
N THR C 224 -4.28 4.51 -11.36
CA THR C 224 -4.69 3.12 -11.31
C THR C 224 -5.55 2.94 -10.07
N PRO C 225 -6.35 1.87 -10.04
CA PRO C 225 -7.12 1.58 -8.81
C PRO C 225 -6.15 1.41 -7.64
N LYS C 226 -6.54 1.90 -6.46
CA LYS C 226 -5.71 1.74 -5.27
C LYS C 226 -5.22 0.31 -5.19
N GLY C 227 -3.92 0.14 -4.95
CA GLY C 227 -3.35 -1.17 -4.78
C GLY C 227 -3.00 -1.89 -6.06
N SER C 228 -3.34 -1.31 -7.20
CA SER C 228 -3.05 -1.97 -8.47
C SER C 228 -1.58 -2.39 -8.57
N SER C 229 -1.33 -3.59 -9.09
CA SER C 229 0.03 -4.08 -9.30
C SER C 229 0.72 -3.26 -10.39
N LEU C 230 -0.08 -2.51 -11.15
CA LEU C 230 0.41 -1.79 -12.31
C LEU C 230 1.06 -0.47 -11.92
N GLY C 231 0.64 0.05 -10.76
CA GLY C 231 0.94 1.40 -10.33
C GLY C 231 2.40 1.75 -10.18
N ASN C 232 3.15 0.82 -9.61
CA ASN C 232 4.58 1.03 -9.43
C ASN C 232 5.23 1.22 -10.78
N ALA C 233 5.15 0.19 -11.61
CA ALA C 233 5.81 0.20 -12.92
C ALA C 233 5.46 1.43 -13.75
N VAL C 234 4.18 1.79 -13.76
CA VAL C 234 3.71 2.90 -14.57
C VAL C 234 4.34 4.20 -14.11
N ASN C 235 4.38 4.39 -12.79
CA ASN C 235 4.93 5.62 -12.24
C ASN C 235 6.40 5.79 -12.58
N LEU C 236 7.16 4.71 -12.43
CA LEU C 236 8.56 4.67 -12.84
C LEU C 236 8.72 5.08 -14.30
N ALA C 237 7.81 4.59 -15.14
CA ALA C 237 7.84 4.92 -16.56
C ALA C 237 7.68 6.43 -16.80
N VAL C 238 6.75 7.06 -16.09
CA VAL C 238 6.57 8.50 -16.26
C VAL C 238 7.87 9.25 -16.00
N LEU C 239 8.55 8.89 -14.90
CA LEU C 239 9.83 9.48 -14.55
C LEU C 239 10.91 9.22 -15.60
N LYS C 240 10.99 7.99 -16.08
CA LYS C 240 11.95 7.65 -17.12
C LYS C 240 11.66 8.45 -18.39
N LEU C 241 10.40 8.47 -18.80
CA LEU C 241 10.02 9.21 -19.99
C LEU C 241 10.40 10.66 -19.84
N ASN C 242 10.11 11.20 -18.67
CA ASN C 242 10.43 12.59 -18.41
C ASN C 242 11.94 12.87 -18.44
N GLU C 243 12.73 11.93 -17.94
CA GLU C 243 14.18 12.15 -17.89
C GLU C 243 14.84 11.98 -19.26
N GLN C 244 14.21 11.19 -20.13
CA GLN C 244 14.71 11.02 -21.48
C GLN C 244 14.35 12.22 -22.34
N GLY C 245 13.57 13.14 -21.78
CA GLY C 245 13.07 14.30 -22.50
C GLY C 245 11.85 14.00 -23.34
N LEU C 246 11.36 12.77 -23.19
CA LEU C 246 10.29 12.23 -24.02
C LEU C 246 8.93 12.91 -23.84
N LEU C 247 8.52 13.16 -22.60
CA LEU C 247 7.28 13.89 -22.36
C LEU C 247 7.31 15.26 -23.00
N ASP C 248 8.44 15.94 -22.88
CA ASP C 248 8.58 17.25 -23.48
C ASP C 248 8.44 17.17 -25.00
N LYS C 249 9.06 16.14 -25.57
CA LYS C 249 9.01 15.93 -27.02
C LYS C 249 7.58 15.77 -27.50
N LEU C 250 6.76 15.09 -26.71
CA LEU C 250 5.38 14.84 -27.07
C LEU C 250 4.55 16.11 -26.98
N LYS C 251 4.65 16.81 -25.86
CA LYS C 251 3.90 18.05 -25.73
C LYS C 251 4.26 18.96 -26.90
N ASN C 252 5.55 19.08 -27.19
CA ASN C 252 5.97 19.90 -28.31
C ASN C 252 5.29 19.44 -29.59
N LYS C 253 5.23 18.12 -29.77
CA LYS C 253 4.65 17.51 -30.95
C LYS C 253 3.24 18.00 -31.23
N TRP C 254 2.35 17.82 -30.25
CA TRP C 254 0.92 18.04 -30.42
C TRP C 254 0.49 19.49 -30.21
N TRP C 255 1.32 20.26 -29.53
CA TRP C 255 1.01 21.66 -29.27
C TRP C 255 1.66 22.55 -30.32
N TYR C 256 2.91 22.25 -30.66
CA TYR C 256 3.69 23.18 -31.47
C TYR C 256 4.06 22.68 -32.86
N ASP C 257 4.79 21.56 -32.94
CA ASP C 257 5.07 20.95 -34.25
C ASP C 257 3.85 20.93 -35.14
N LYS C 258 2.68 20.66 -34.55
CA LYS C 258 1.43 20.55 -35.28
C LYS C 258 0.57 21.81 -35.18
N GLY C 259 1.16 22.90 -34.72
CA GLY C 259 0.43 24.15 -34.62
C GLY C 259 -0.01 24.68 -35.97
N GLU C 260 -1.18 25.30 -36.01
CA GLU C 260 -1.73 25.82 -37.26
C GLU C 260 -1.54 27.34 -37.39
N CYS C 261 -0.70 27.89 -36.53
CA CYS C 261 -0.58 29.34 -36.43
C CYS C 261 0.84 29.83 -36.60
N GLY C 262 1.63 29.11 -37.38
CA GLY C 262 3.00 29.50 -37.64
C GLY C 262 4.00 28.91 -36.65
N LYS D 4 -11.91 -51.71 4.15
CA LYS D 4 -12.82 -51.64 3.02
C LYS D 4 -12.88 -50.23 2.42
N THR D 5 -14.03 -49.87 1.87
CA THR D 5 -14.16 -48.55 1.27
C THR D 5 -14.68 -47.54 2.30
N VAL D 6 -13.98 -46.42 2.42
CA VAL D 6 -14.32 -45.42 3.43
C VAL D 6 -15.41 -44.49 2.90
N VAL D 7 -16.47 -44.32 3.69
CA VAL D 7 -17.51 -43.38 3.35
C VAL D 7 -17.10 -41.99 3.82
N VAL D 8 -16.85 -41.11 2.85
CA VAL D 8 -16.44 -39.76 3.13
C VAL D 8 -17.65 -38.86 2.97
N THR D 9 -18.10 -38.25 4.06
CA THR D 9 -19.23 -37.34 3.93
C THR D 9 -18.72 -35.92 3.72
N THR D 10 -19.44 -35.18 2.91
CA THR D 10 -19.07 -33.80 2.68
C THR D 10 -20.29 -33.01 2.24
N ILE D 11 -20.08 -31.76 1.85
CA ILE D 11 -21.18 -30.87 1.60
C ILE D 11 -20.86 -30.08 0.32
N LEU D 12 -21.90 -29.75 -0.43
CA LEU D 12 -21.69 -29.04 -1.68
C LEU D 12 -21.66 -27.55 -1.42
N GLU D 13 -20.46 -26.98 -1.50
CA GLU D 13 -20.25 -25.55 -1.35
C GLU D 13 -18.96 -25.21 -2.08
N SER D 14 -19.06 -24.26 -3.01
CA SER D 14 -17.90 -23.88 -3.82
C SER D 14 -16.96 -23.07 -2.95
N PRO D 15 -15.64 -23.22 -3.18
CA PRO D 15 -15.10 -24.14 -4.18
C PRO D 15 -14.64 -25.43 -3.55
N TYR D 16 -15.16 -25.75 -2.36
CA TYR D 16 -14.71 -26.93 -1.65
C TYR D 16 -15.16 -28.21 -2.35
N VAL D 17 -16.47 -28.34 -2.52
CA VAL D 17 -17.04 -29.44 -3.29
C VAL D 17 -18.00 -28.88 -4.32
N MET D 18 -17.78 -29.21 -5.59
CA MET D 18 -18.67 -28.76 -6.64
C MET D 18 -19.07 -29.91 -7.55
N MET D 19 -20.36 -30.01 -7.83
CA MET D 19 -20.83 -30.99 -8.78
C MET D 19 -20.59 -30.46 -10.18
N LYS D 20 -19.68 -31.07 -10.93
CA LYS D 20 -19.41 -30.64 -12.30
C LYS D 20 -20.70 -30.44 -13.11
N LYS D 21 -20.69 -29.45 -13.99
CA LYS D 21 -21.84 -29.18 -14.87
C LYS D 21 -22.37 -30.45 -15.52
N ASN D 22 -21.44 -31.27 -15.98
CA ASN D 22 -21.73 -32.47 -16.75
C ASN D 22 -21.83 -33.71 -15.86
N HIS D 23 -22.06 -33.49 -14.57
CA HIS D 23 -22.03 -34.58 -13.60
CA HIS D 23 -22.03 -34.58 -13.60
C HIS D 23 -22.82 -35.80 -14.03
N GLU D 24 -23.97 -35.58 -14.66
CA GLU D 24 -24.87 -36.65 -15.07
C GLU D 24 -24.24 -37.68 -16.02
N MET D 25 -23.17 -37.26 -16.70
CA MET D 25 -22.45 -38.15 -17.63
C MET D 25 -21.28 -38.86 -16.96
N LEU D 26 -20.94 -38.40 -15.76
CA LEU D 26 -19.84 -38.99 -15.01
C LEU D 26 -20.36 -39.94 -13.95
N GLU D 27 -19.49 -40.40 -13.06
CA GLU D 27 -19.90 -41.35 -12.03
C GLU D 27 -18.93 -41.42 -10.85
N GLY D 28 -19.44 -41.89 -9.71
CA GLY D 28 -18.65 -42.03 -8.51
C GLY D 28 -18.08 -40.69 -8.06
N ASN D 29 -16.82 -40.72 -7.64
CA ASN D 29 -16.21 -39.50 -7.12
C ASN D 29 -16.02 -38.43 -8.19
N GLU D 30 -16.04 -38.85 -9.46
CA GLU D 30 -15.69 -37.95 -10.54
C GLU D 30 -16.81 -37.00 -10.95
N ARG D 31 -17.99 -37.20 -10.35
CA ARG D 31 -19.08 -36.23 -10.46
C ARG D 31 -18.67 -34.93 -9.79
N TYR D 32 -17.74 -35.02 -8.85
CA TYR D 32 -17.40 -33.89 -8.00
C TYR D 32 -15.97 -33.38 -8.22
N GLU D 33 -15.77 -32.11 -7.89
CA GLU D 33 -14.43 -31.54 -7.94
C GLU D 33 -14.35 -30.38 -6.97
N GLY D 34 -13.14 -30.02 -6.60
CA GLY D 34 -12.95 -28.85 -5.78
C GLY D 34 -11.89 -29.08 -4.74
N TYR D 35 -11.71 -28.07 -3.90
CA TYR D 35 -10.70 -28.10 -2.88
C TYR D 35 -10.81 -29.35 -2.02
N CYS D 36 -12.01 -29.64 -1.51
CA CYS D 36 -12.14 -30.76 -0.58
C CYS D 36 -12.07 -32.14 -1.27
N VAL D 37 -12.43 -32.19 -2.55
CA VAL D 37 -12.28 -33.40 -3.36
C VAL D 37 -10.79 -33.72 -3.53
N ASP D 38 -10.01 -32.67 -3.81
CA ASP D 38 -8.58 -32.83 -3.92
C ASP D 38 -7.96 -33.21 -2.59
N LEU D 39 -8.37 -32.50 -1.53
CA LEU D 39 -7.89 -32.77 -0.19
C LEU D 39 -8.12 -34.24 0.17
N ALA D 40 -9.33 -34.71 -0.05
CA ALA D 40 -9.69 -36.09 0.26
C ALA D 40 -8.77 -37.10 -0.40
N ALA D 41 -8.47 -36.88 -1.69
CA ALA D 41 -7.65 -37.81 -2.46
C ALA D 41 -6.26 -37.84 -1.85
N GLU D 42 -5.77 -36.66 -1.54
CA GLU D 42 -4.47 -36.52 -0.91
C GLU D 42 -4.42 -37.18 0.47
N ILE D 43 -5.44 -36.94 1.29
CA ILE D 43 -5.59 -37.60 2.57
C ILE D 43 -5.60 -39.11 2.39
N ALA D 44 -6.41 -39.54 1.43
CA ALA D 44 -6.60 -40.96 1.15
C ALA D 44 -5.31 -41.60 0.66
N LYS D 45 -4.58 -40.90 -0.20
CA LYS D 45 -3.29 -41.38 -0.69
C LYS D 45 -2.29 -41.61 0.44
N HIS D 46 -2.09 -40.56 1.25
CA HIS D 46 -1.17 -40.62 2.39
C HIS D 46 -1.53 -41.65 3.45
N CYS D 47 -2.82 -41.90 3.63
CA CYS D 47 -3.22 -42.87 4.64
C CYS D 47 -3.39 -44.26 4.02
N GLY D 48 -3.37 -44.29 2.69
CA GLY D 48 -3.47 -45.53 1.95
C GLY D 48 -4.81 -46.24 2.01
N PHE D 49 -5.89 -45.50 1.87
CA PHE D 49 -7.20 -46.12 1.84
C PHE D 49 -8.03 -45.71 0.63
N LYS D 50 -9.00 -46.55 0.30
CA LYS D 50 -9.94 -46.25 -0.77
C LYS D 50 -11.19 -45.66 -0.16
N TYR D 51 -11.83 -44.76 -0.90
CA TYR D 51 -12.97 -44.06 -0.34
C TYR D 51 -14.02 -43.74 -1.37
N LYS D 52 -15.16 -43.32 -0.86
CA LYS D 52 -16.31 -43.02 -1.65
C LYS D 52 -16.81 -41.68 -1.16
N LEU D 53 -16.85 -40.70 -2.05
CA LEU D 53 -17.47 -39.42 -1.71
C LEU D 53 -19.00 -39.50 -1.69
N THR D 54 -19.59 -39.17 -0.55
CA THR D 54 -21.04 -39.00 -0.46
C THR D 54 -21.36 -37.56 -0.04
N ILE D 55 -22.48 -37.02 -0.49
CA ILE D 55 -22.89 -35.69 -0.03
C ILE D 55 -23.82 -35.82 1.16
N VAL D 56 -23.52 -35.08 2.23
CA VAL D 56 -24.34 -35.12 3.46
C VAL D 56 -25.85 -35.09 3.16
N GLY D 57 -26.57 -36.03 3.76
CA GLY D 57 -27.95 -36.31 3.39
C GLY D 57 -28.92 -35.16 3.55
N ASP D 58 -28.76 -34.37 4.62
CA ASP D 58 -29.67 -33.26 4.88
C ASP D 58 -29.08 -31.91 4.47
N GLY D 59 -27.85 -31.92 3.97
CA GLY D 59 -27.19 -30.71 3.53
C GLY D 59 -26.71 -29.80 4.65
N LYS D 60 -26.62 -30.34 5.87
CA LYS D 60 -26.18 -29.53 7.00
C LYS D 60 -24.72 -29.83 7.35
N TYR D 61 -24.13 -28.91 8.11
CA TYR D 61 -22.76 -29.08 8.59
C TYR D 61 -22.73 -29.97 9.83
N GLY D 62 -23.54 -29.61 10.82
CA GLY D 62 -23.59 -30.31 12.07
C GLY D 62 -23.94 -29.40 13.23
N ALA D 63 -25.13 -29.62 13.78
CA ALA D 63 -25.61 -28.88 14.94
C ALA D 63 -26.62 -29.73 15.69
N ARG D 64 -26.70 -29.51 16.99
CA ARG D 64 -27.56 -30.30 17.84
C ARG D 64 -28.87 -29.55 18.00
N ASP D 65 -29.93 -30.09 17.39
CA ASP D 65 -31.26 -29.55 17.59
C ASP D 65 -31.53 -29.47 19.07
N ALA D 66 -31.85 -28.28 19.57
CA ALA D 66 -32.02 -28.08 21.01
C ALA D 66 -33.21 -28.86 21.58
N ASP D 67 -34.22 -29.08 20.75
CA ASP D 67 -35.41 -29.83 21.17
C ASP D 67 -35.17 -31.33 21.15
N THR D 68 -34.87 -31.87 19.98
CA THR D 68 -34.65 -33.31 19.83
C THR D 68 -33.28 -33.76 20.32
N LYS D 69 -32.38 -32.81 20.55
CA LYS D 69 -31.02 -33.13 20.99
C LYS D 69 -30.30 -33.95 19.94
N ILE D 70 -30.93 -34.10 18.78
CA ILE D 70 -30.36 -34.87 17.69
C ILE D 70 -29.38 -34.05 16.83
N TRP D 71 -28.20 -34.61 16.59
CA TRP D 71 -27.20 -34.00 15.72
C TRP D 71 -27.60 -34.15 14.27
N ASN D 72 -27.56 -33.04 13.54
CA ASN D 72 -27.80 -33.05 12.11
C ASN D 72 -26.51 -32.99 11.28
N GLY D 73 -26.67 -32.83 9.97
CA GLY D 73 -25.56 -32.63 9.06
C GLY D 73 -24.48 -33.70 9.06
N MET D 74 -23.29 -33.28 8.68
CA MET D 74 -22.15 -34.17 8.64
C MET D 74 -21.78 -34.71 10.01
N VAL D 75 -21.73 -33.84 11.01
CA VAL D 75 -21.47 -34.31 12.37
C VAL D 75 -22.43 -35.45 12.75
N GLY D 76 -23.71 -35.26 12.51
CA GLY D 76 -24.70 -36.28 12.82
C GLY D 76 -24.43 -37.56 12.02
N GLU D 77 -24.00 -37.41 10.77
CA GLU D 77 -23.71 -38.58 9.97
C GLU D 77 -22.53 -39.34 10.57
N LEU D 78 -21.66 -38.60 11.23
CA LEU D 78 -20.51 -39.19 11.91
C LEU D 78 -20.90 -39.85 13.23
N VAL D 79 -21.58 -39.11 14.10
CA VAL D 79 -21.93 -39.68 15.40
C VAL D 79 -22.97 -40.80 15.30
N TYR D 80 -23.77 -40.82 14.23
CA TYR D 80 -24.80 -41.85 14.08
C TYR D 80 -24.43 -42.97 13.10
N GLY D 81 -23.16 -43.00 12.67
CA GLY D 81 -22.62 -44.14 11.95
C GLY D 81 -22.89 -44.23 10.45
N LYS D 82 -23.28 -43.12 9.83
CA LYS D 82 -23.60 -43.10 8.41
C LYS D 82 -22.39 -42.84 7.53
N ALA D 83 -21.37 -42.22 8.11
CA ALA D 83 -20.11 -41.95 7.40
C ALA D 83 -18.91 -42.16 8.32
N ASP D 84 -17.74 -42.38 7.73
CA ASP D 84 -16.54 -42.69 8.50
C ASP D 84 -15.73 -41.43 8.75
N ILE D 85 -15.99 -40.42 7.93
CA ILE D 85 -15.17 -39.23 7.96
C ILE D 85 -15.83 -38.06 7.23
N ALA D 86 -15.57 -36.85 7.73
CA ALA D 86 -16.04 -35.65 7.09
C ALA D 86 -14.86 -34.84 6.60
N ILE D 87 -14.91 -34.43 5.33
CA ILE D 87 -13.82 -33.68 4.72
C ILE D 87 -14.47 -32.52 3.98
N ALA D 88 -14.52 -31.38 4.66
CA ALA D 88 -15.41 -30.30 4.26
C ALA D 88 -15.03 -29.05 5.00
N PRO D 89 -15.58 -27.89 4.60
CA PRO D 89 -15.37 -26.63 5.33
C PRO D 89 -16.16 -26.66 6.63
N LEU D 90 -15.74 -27.54 7.52
CA LEU D 90 -16.40 -27.74 8.79
C LEU D 90 -15.54 -27.14 9.90
N THR D 91 -16.07 -26.09 10.51
CA THR D 91 -15.37 -25.32 11.52
C THR D 91 -15.11 -26.14 12.78
N ILE D 92 -13.90 -26.06 13.28
CA ILE D 92 -13.60 -26.70 14.54
C ILE D 92 -14.19 -25.84 15.64
N THR D 93 -15.28 -26.34 16.23
CA THR D 93 -15.96 -25.65 17.32
C THR D 93 -16.01 -26.53 18.56
N LEU D 94 -16.10 -25.91 19.73
CA LEU D 94 -16.18 -26.61 21.01
C LEU D 94 -17.24 -27.72 21.02
N VAL D 95 -18.48 -27.32 20.73
CA VAL D 95 -19.61 -28.23 20.85
C VAL D 95 -19.47 -29.44 19.90
N ARG D 96 -18.81 -29.25 18.76
CA ARG D 96 -18.57 -30.37 17.83
C ARG D 96 -17.45 -31.24 18.37
N GLU D 97 -16.38 -30.58 18.84
CA GLU D 97 -15.20 -31.24 19.41
C GLU D 97 -15.55 -32.22 20.51
N GLU D 98 -16.62 -31.94 21.22
CA GLU D 98 -17.04 -32.80 22.30
C GLU D 98 -17.53 -34.15 21.82
N VAL D 99 -17.96 -34.23 20.56
CA VAL D 99 -18.58 -35.47 20.07
C VAL D 99 -17.85 -36.17 18.93
N ILE D 100 -17.13 -35.44 18.09
CA ILE D 100 -16.24 -36.12 17.14
C ILE D 100 -14.79 -35.66 17.37
N ASP D 101 -13.85 -36.34 16.70
CA ASP D 101 -12.44 -35.94 16.71
C ASP D 101 -12.12 -35.07 15.50
N PHE D 102 -11.36 -34.02 15.75
CA PHE D 102 -10.96 -33.12 14.68
C PHE D 102 -9.49 -33.28 14.39
N SER D 103 -9.13 -33.16 13.11
CA SER D 103 -7.73 -32.99 12.75
C SER D 103 -7.35 -31.54 13.09
N LYS D 104 -6.05 -31.28 13.24
CA LYS D 104 -5.57 -29.91 13.21
C LYS D 104 -6.06 -29.28 11.91
N PRO D 105 -6.19 -27.95 11.90
CA PRO D 105 -6.89 -27.29 10.79
C PRO D 105 -6.16 -27.41 9.44
N PHE D 106 -6.87 -27.73 8.37
CA PHE D 106 -6.23 -27.71 7.06
C PHE D 106 -6.29 -26.32 6.45
N MET D 107 -7.12 -25.48 7.05
CA MET D 107 -7.31 -24.13 6.56
C MET D 107 -7.81 -23.23 7.69
N SER D 108 -7.31 -22.01 7.72
CA SER D 108 -7.67 -21.06 8.76
C SER D 108 -8.51 -19.94 8.14
N LEU D 109 -9.35 -19.31 8.94
CA LEU D 109 -10.22 -18.26 8.39
C LEU D 109 -10.73 -17.31 9.47
N GLY D 110 -11.48 -16.30 9.06
CA GLY D 110 -11.98 -15.33 10.01
C GLY D 110 -13.11 -14.54 9.41
N ILE D 111 -14.02 -14.05 10.26
CA ILE D 111 -15.06 -13.16 9.77
C ILE D 111 -14.41 -11.98 9.08
N SER D 112 -14.91 -11.64 7.89
CA SER D 112 -14.41 -10.49 7.17
C SER D 112 -15.48 -9.76 6.37
N ILE D 113 -15.07 -8.65 5.80
CA ILE D 113 -15.98 -7.70 5.19
C ILE D 113 -15.87 -7.73 3.68
N MET D 114 -16.95 -8.09 3.02
CA MET D 114 -17.06 -7.99 1.58
C MET D 114 -17.80 -6.70 1.21
N ILE D 115 -17.16 -5.89 0.39
CA ILE D 115 -17.79 -4.68 -0.14
C ILE D 115 -17.81 -4.75 -1.66
N LYS D 116 -18.71 -3.99 -2.24
CA LYS D 116 -18.67 -3.73 -3.67
C LYS D 116 -17.49 -2.79 -3.92
N LYS D 117 -16.65 -3.16 -4.88
CA LYS D 117 -15.47 -2.37 -5.25
C LYS D 117 -15.79 -0.89 -5.29
N GLY D 118 -14.97 -0.09 -4.60
CA GLY D 118 -15.20 1.33 -4.53
C GLY D 118 -15.96 1.80 -3.29
N THR D 119 -16.53 0.86 -2.53
CA THR D 119 -17.18 1.26 -1.30
C THR D 119 -16.15 1.84 -0.33
N PRO D 120 -16.44 3.02 0.25
CA PRO D 120 -15.53 3.73 1.14
C PRO D 120 -15.42 3.07 2.53
N ILE D 121 -15.10 1.78 2.54
CA ILE D 121 -14.97 1.05 3.79
C ILE D 121 -13.67 0.25 3.81
N GLU D 122 -12.90 0.40 4.89
CA GLU D 122 -11.65 -0.33 5.05
C GLU D 122 -11.64 -1.26 6.25
N SER D 123 -12.60 -1.13 7.16
CA SER D 123 -12.52 -1.86 8.42
C SER D 123 -13.84 -2.00 9.15
N ALA D 124 -13.87 -2.93 10.11
CA ALA D 124 -15.01 -3.06 11.01
C ALA D 124 -15.34 -1.72 11.67
N GLU D 125 -14.32 -1.02 12.17
CA GLU D 125 -14.55 0.27 12.82
C GLU D 125 -15.19 1.26 11.86
N ASP D 126 -14.73 1.28 10.62
CA ASP D 126 -15.34 2.12 9.59
C ASP D 126 -16.85 1.94 9.49
N LEU D 127 -17.31 0.69 9.43
CA LEU D 127 -18.73 0.42 9.32
C LEU D 127 -19.44 0.89 10.58
N SER D 128 -18.86 0.57 11.74
CA SER D 128 -19.46 0.90 13.04
C SER D 128 -19.69 2.38 13.23
N LYS D 129 -18.89 3.21 12.55
CA LYS D 129 -18.91 4.65 12.74
C LYS D 129 -19.86 5.37 11.78
N GLN D 130 -20.50 4.62 10.89
CA GLN D 130 -21.40 5.22 9.91
C GLN D 130 -22.63 4.35 9.67
N THR D 131 -23.66 4.92 9.05
CA THR D 131 -24.88 4.18 8.78
C THR D 131 -25.26 4.20 7.30
N GLU D 132 -24.65 5.12 6.55
CA GLU D 132 -24.99 5.27 5.13
C GLU D 132 -24.85 3.96 4.38
N ILE D 133 -23.74 3.27 4.61
CA ILE D 133 -23.51 1.97 4.01
C ILE D 133 -23.99 0.90 4.99
N ALA D 134 -25.12 0.26 4.65
CA ALA D 134 -25.65 -0.82 5.47
C ALA D 134 -24.74 -2.04 5.42
N TYR D 135 -24.88 -2.90 6.42
CA TYR D 135 -24.06 -4.10 6.52
C TYR D 135 -24.75 -5.14 7.39
N GLY D 136 -24.46 -6.40 7.09
CA GLY D 136 -25.11 -7.51 7.75
C GLY D 136 -24.44 -8.83 7.47
N THR D 137 -25.10 -9.90 7.87
CA THR D 137 -24.55 -11.23 7.73
C THR D 137 -25.67 -12.21 7.51
N LEU D 138 -25.32 -13.49 7.49
CA LEU D 138 -26.32 -14.55 7.35
C LEU D 138 -27.31 -14.40 8.49
N ASP D 139 -28.59 -14.54 8.20
CA ASP D 139 -29.62 -14.42 9.22
C ASP D 139 -29.47 -15.46 10.35
N SER D 140 -28.76 -16.55 10.08
CA SER D 140 -28.45 -17.50 11.14
C SER D 140 -27.07 -18.11 10.90
N GLY D 141 -26.33 -18.35 11.97
CA GLY D 141 -25.01 -18.93 11.85
C GLY D 141 -24.02 -18.32 12.81
N SER D 142 -22.76 -18.71 12.68
CA SER D 142 -21.74 -18.31 13.64
C SER D 142 -21.39 -16.82 13.54
N THR D 143 -21.30 -16.28 12.32
CA THR D 143 -21.03 -14.86 12.19
C THR D 143 -22.03 -13.99 12.98
N LYS D 144 -23.31 -14.32 12.89
CA LYS D 144 -24.35 -13.59 13.62
C LYS D 144 -24.14 -13.69 15.13
N GLU D 145 -23.86 -14.90 15.60
CA GLU D 145 -23.68 -15.11 17.03
C GLU D 145 -22.43 -14.40 17.50
N PHE D 146 -21.38 -14.41 16.69
CA PHE D 146 -20.15 -13.71 17.04
C PHE D 146 -20.43 -12.24 17.42
N PHE D 147 -21.28 -11.57 16.64
CA PHE D 147 -21.57 -10.18 16.95
C PHE D 147 -22.47 -10.03 18.17
N ARG D 148 -23.41 -10.96 18.30
CA ARG D 148 -24.33 -10.98 19.43
C ARG D 148 -23.54 -11.19 20.72
N ARG D 149 -22.53 -12.05 20.67
CA ARG D 149 -21.76 -12.44 21.85
C ARG D 149 -20.69 -11.42 22.25
N SER D 150 -20.34 -10.54 21.32
CA SER D 150 -19.13 -9.73 21.44
C SER D 150 -19.06 -8.80 22.67
N LYS D 151 -17.94 -8.87 23.39
CA LYS D 151 -17.59 -7.86 24.39
C LYS D 151 -17.07 -6.59 23.72
N ILE D 152 -16.38 -6.76 22.60
CA ILE D 152 -15.69 -5.66 21.94
C ILE D 152 -16.63 -4.51 21.50
N ALA D 153 -16.23 -3.30 21.85
CA ALA D 153 -17.05 -2.10 21.62
C ALA D 153 -17.49 -1.94 20.17
N VAL D 154 -16.54 -2.09 19.24
CA VAL D 154 -16.85 -1.87 17.84
C VAL D 154 -17.81 -2.94 17.31
N PHE D 155 -17.62 -4.18 17.75
CA PHE D 155 -18.48 -5.27 17.33
C PHE D 155 -19.84 -5.16 18.03
N ASP D 156 -19.82 -4.64 19.25
CA ASP D 156 -21.06 -4.45 19.98
C ASP D 156 -21.93 -3.42 19.25
N LYS D 157 -21.33 -2.29 18.87
CA LYS D 157 -22.06 -1.26 18.13
C LYS D 157 -22.60 -1.80 16.80
N MET D 158 -21.85 -2.68 16.15
CA MET D 158 -22.34 -3.27 14.90
C MET D 158 -23.54 -4.18 15.15
N TRP D 159 -23.47 -4.94 16.23
CA TRP D 159 -24.56 -5.85 16.57
C TRP D 159 -25.86 -5.10 16.77
N THR D 160 -25.80 -4.09 17.64
CA THR D 160 -26.99 -3.33 17.96
C THR D 160 -27.49 -2.66 16.69
N TYR D 161 -26.57 -2.13 15.89
CA TYR D 161 -26.95 -1.54 14.61
C TYR D 161 -27.64 -2.56 13.70
N MET D 162 -27.00 -3.71 13.52
CA MET D 162 -27.50 -4.72 12.58
C MET D 162 -28.85 -5.27 13.03
N ARG D 163 -28.93 -5.65 14.29
CA ARG D 163 -30.19 -6.15 14.85
C ARG D 163 -31.34 -5.17 14.67
N SER D 164 -31.06 -3.88 14.73
CA SER D 164 -32.15 -2.92 14.65
C SER D 164 -32.21 -2.18 13.30
N ALA D 165 -31.39 -2.61 12.35
CA ALA D 165 -31.39 -1.99 11.03
C ALA D 165 -32.68 -2.29 10.25
N GLU D 166 -33.22 -1.28 9.60
CA GLU D 166 -34.42 -1.44 8.79
C GLU D 166 -34.19 -0.79 7.43
N PRO D 167 -34.48 -1.52 6.35
CA PRO D 167 -34.97 -2.91 6.39
C PRO D 167 -33.84 -3.85 6.79
N SER D 168 -34.17 -5.13 6.97
CA SER D 168 -33.23 -6.14 7.43
C SER D 168 -31.90 -6.15 6.66
N VAL D 169 -30.80 -6.20 7.42
CA VAL D 169 -29.46 -6.34 6.86
C VAL D 169 -29.03 -7.79 6.82
N PHE D 170 -29.89 -8.69 7.32
CA PHE D 170 -29.56 -10.09 7.31
C PHE D 170 -30.07 -10.81 6.07
N VAL D 171 -29.28 -11.74 5.56
CA VAL D 171 -29.68 -12.52 4.38
C VAL D 171 -29.81 -14.02 4.68
N ARG D 172 -30.69 -14.67 3.94
CA ARG D 172 -31.02 -16.08 4.17
C ARG D 172 -29.89 -17.01 3.70
N THR D 173 -29.22 -16.65 2.62
CA THR D 173 -28.11 -17.47 2.14
C THR D 173 -26.89 -16.62 1.83
N THR D 174 -25.76 -17.27 1.71
CA THR D 174 -24.53 -16.61 1.28
C THR D 174 -24.77 -15.94 -0.06
N ALA D 175 -25.43 -16.65 -0.96
CA ALA D 175 -25.57 -16.17 -2.32
C ALA D 175 -26.42 -14.89 -2.37
N GLU D 176 -27.43 -14.81 -1.52
CA GLU D 176 -28.27 -13.61 -1.45
C GLU D 176 -27.46 -12.45 -0.88
N GLY D 177 -26.56 -12.77 0.05
CA GLY D 177 -25.68 -11.79 0.62
C GLY D 177 -24.77 -11.21 -0.43
N VAL D 178 -24.26 -12.08 -1.30
CA VAL D 178 -23.32 -11.66 -2.34
C VAL D 178 -24.02 -10.85 -3.41
N ALA D 179 -25.21 -11.30 -3.78
CA ALA D 179 -26.02 -10.58 -4.77
C ALA D 179 -26.45 -9.24 -4.22
N ARG D 180 -26.67 -9.19 -2.91
CA ARG D 180 -27.17 -7.97 -2.31
C ARG D 180 -26.07 -6.93 -2.30
N VAL D 181 -24.84 -7.41 -2.14
CA VAL D 181 -23.65 -6.59 -2.24
C VAL D 181 -23.49 -6.04 -3.64
N ARG D 182 -23.63 -6.91 -4.63
CA ARG D 182 -23.47 -6.50 -6.02
C ARG D 182 -24.56 -5.58 -6.58
N LYS D 183 -25.78 -5.70 -6.06
CA LYS D 183 -26.91 -4.94 -6.60
C LYS D 183 -27.16 -3.66 -5.79
N SER D 184 -26.34 -3.43 -4.77
CA SER D 184 -26.62 -2.33 -3.84
C SER D 184 -25.83 -1.06 -4.09
N LYS D 185 -25.24 -0.94 -5.27
CA LYS D 185 -24.55 0.29 -5.63
C LYS D 185 -23.62 0.81 -4.52
N GLY D 186 -22.99 -0.10 -3.80
CA GLY D 186 -22.04 0.27 -2.76
C GLY D 186 -22.67 0.52 -1.39
N LYS D 187 -23.99 0.34 -1.28
CA LYS D 187 -24.73 0.70 -0.05
C LYS D 187 -24.94 -0.48 0.89
N TYR D 188 -24.32 -1.62 0.56
CA TYR D 188 -24.42 -2.80 1.39
C TYR D 188 -23.09 -3.52 1.44
N ALA D 189 -22.61 -3.75 2.65
CA ALA D 189 -21.42 -4.53 2.91
C ALA D 189 -21.87 -5.81 3.61
N TYR D 190 -21.15 -6.90 3.37
CA TYR D 190 -21.55 -8.22 3.83
C TYR D 190 -20.43 -8.87 4.61
N LEU D 191 -20.75 -9.35 5.79
CA LEU D 191 -19.78 -10.00 6.66
C LEU D 191 -19.84 -11.50 6.53
N LEU D 192 -18.70 -12.13 6.24
CA LEU D 192 -18.65 -13.57 5.99
C LEU D 192 -17.21 -14.09 6.10
N GLU D 193 -17.04 -15.39 5.84
CA GLU D 193 -15.74 -16.07 5.97
C GLU D 193 -14.67 -15.54 4.99
N SER D 194 -13.57 -15.05 5.53
CA SER D 194 -12.49 -14.52 4.70
C SER D 194 -12.19 -15.43 3.49
N THR D 195 -12.28 -16.75 3.67
CA THR D 195 -12.10 -17.70 2.59
C THR D 195 -13.10 -17.50 1.46
N MET D 196 -14.38 -17.49 1.81
CA MET D 196 -15.43 -17.29 0.83
C MET D 196 -15.27 -15.92 0.21
N ASN D 197 -14.89 -14.95 1.04
CA ASN D 197 -14.72 -13.56 0.59
C ASN D 197 -13.65 -13.48 -0.53
N GLU D 198 -12.53 -14.15 -0.30
CA GLU D 198 -11.45 -14.25 -1.29
C GLU D 198 -11.90 -14.99 -2.53
N TYR D 199 -12.74 -16.00 -2.35
CA TYR D 199 -13.15 -16.80 -3.49
C TYR D 199 -13.98 -15.92 -4.42
N ILE D 200 -15.01 -15.30 -3.83
CA ILE D 200 -15.89 -14.40 -4.56
C ILE D 200 -15.13 -13.24 -5.19
N GLU D 201 -14.04 -12.84 -4.53
CA GLU D 201 -13.21 -11.76 -5.07
C GLU D 201 -12.67 -12.18 -6.43
N GLN D 202 -12.48 -13.48 -6.62
CA GLN D 202 -11.92 -13.97 -7.86
C GLN D 202 -12.99 -14.47 -8.82
N ARG D 203 -14.24 -14.04 -8.60
CA ARG D 203 -15.32 -14.46 -9.46
C ARG D 203 -15.85 -13.33 -10.35
N LYS D 204 -16.12 -13.67 -11.61
CA LYS D 204 -16.82 -12.78 -12.51
C LYS D 204 -18.08 -12.37 -11.78
N PRO D 205 -18.46 -11.09 -11.88
CA PRO D 205 -17.85 -9.99 -12.62
C PRO D 205 -16.81 -9.18 -11.84
N CYS D 206 -16.14 -9.79 -10.88
CA CYS D 206 -14.99 -9.14 -10.23
C CYS D 206 -15.35 -7.77 -9.66
N ASP D 207 -16.55 -7.65 -9.12
CA ASP D 207 -16.99 -6.37 -8.57
C ASP D 207 -16.86 -6.27 -7.05
N THR D 208 -16.42 -7.34 -6.41
CA THR D 208 -16.32 -7.36 -4.96
C THR D 208 -14.90 -7.30 -4.45
N MET D 209 -14.76 -7.00 -3.18
CA MET D 209 -13.45 -6.92 -2.58
C MET D 209 -13.48 -7.27 -1.08
N LYS D 210 -12.45 -7.96 -0.63
CA LYS D 210 -12.23 -8.20 0.79
C LYS D 210 -11.45 -7.04 1.39
N VAL D 211 -11.98 -6.48 2.47
CA VAL D 211 -11.31 -5.39 3.16
C VAL D 211 -11.17 -5.67 4.66
N GLY D 212 -10.16 -5.09 5.27
CA GLY D 212 -9.97 -5.19 6.70
C GLY D 212 -9.16 -6.42 7.10
N GLY D 213 -8.78 -6.49 8.38
CA GLY D 213 -8.24 -7.71 8.93
C GLY D 213 -9.40 -8.62 9.32
N ASN D 214 -9.12 -9.88 9.58
CA ASN D 214 -10.15 -10.77 10.09
C ASN D 214 -10.62 -10.27 11.46
N LEU D 215 -11.89 -10.51 11.78
CA LEU D 215 -12.45 -10.05 13.03
C LEU D 215 -12.25 -11.11 14.10
N ASP D 216 -11.99 -12.33 13.65
CA ASP D 216 -11.76 -13.45 14.55
C ASP D 216 -10.98 -14.51 13.78
N SER D 217 -10.76 -15.66 14.42
CA SER D 217 -9.98 -16.73 13.83
C SER D 217 -10.55 -18.08 14.20
N LYS D 218 -10.71 -18.92 13.20
CA LYS D 218 -11.10 -20.29 13.43
C LYS D 218 -10.55 -21.14 12.30
N GLY D 219 -10.79 -22.44 12.39
CA GLY D 219 -10.24 -23.38 11.44
C GLY D 219 -11.23 -24.42 10.96
N TYR D 220 -10.93 -24.95 9.78
CA TYR D 220 -11.58 -26.13 9.26
C TYR D 220 -10.70 -27.33 9.61
N GLY D 221 -11.33 -28.40 10.09
CA GLY D 221 -10.64 -29.63 10.38
C GLY D 221 -11.35 -30.81 9.76
N ILE D 222 -10.62 -31.90 9.59
CA ILE D 222 -11.23 -33.14 9.14
C ILE D 222 -11.77 -33.87 10.38
N ALA D 223 -12.93 -34.51 10.25
CA ALA D 223 -13.61 -35.03 11.44
C ALA D 223 -13.93 -36.49 11.34
N THR D 224 -13.68 -37.20 12.43
CA THR D 224 -13.85 -38.64 12.47
C THR D 224 -14.51 -38.94 13.80
N PRO D 225 -15.21 -40.08 13.88
CA PRO D 225 -15.86 -40.50 15.12
C PRO D 225 -14.84 -40.57 16.24
N LYS D 226 -15.25 -40.43 17.49
CA LYS D 226 -14.33 -40.64 18.60
C LYS D 226 -13.87 -42.08 18.55
N GLY D 227 -12.56 -42.30 18.63
CA GLY D 227 -12.02 -43.66 18.57
C GLY D 227 -11.98 -44.27 17.18
N SER D 228 -11.94 -43.44 16.15
CA SER D 228 -11.83 -43.94 14.79
C SER D 228 -10.41 -44.45 14.49
N SER D 229 -10.31 -45.60 13.82
CA SER D 229 -9.00 -46.15 13.51
C SER D 229 -8.34 -45.36 12.37
N LEU D 230 -8.95 -44.21 12.08
CA LEU D 230 -8.55 -43.36 10.96
C LEU D 230 -8.03 -42.03 11.46
N GLY D 231 -8.38 -41.71 12.71
CA GLY D 231 -8.13 -40.41 13.29
C GLY D 231 -6.70 -39.94 13.33
N ASN D 232 -5.83 -40.71 13.99
CA ASN D 232 -4.42 -40.37 14.11
C ASN D 232 -3.84 -40.11 12.74
N ALA D 233 -4.15 -41.00 11.80
CA ALA D 233 -3.51 -40.96 10.49
C ALA D 233 -3.93 -39.72 9.73
N VAL D 234 -5.23 -39.51 9.68
CA VAL D 234 -5.77 -38.34 9.01
C VAL D 234 -5.21 -37.02 9.61
N ASN D 235 -5.03 -36.96 10.92
CA ASN D 235 -4.41 -35.78 11.53
C ASN D 235 -2.96 -35.58 11.05
N LEU D 236 -2.17 -36.65 11.06
CA LEU D 236 -0.79 -36.60 10.56
C LEU D 236 -0.73 -36.27 9.08
N ALA D 237 -1.78 -36.59 8.35
CA ALA D 237 -1.77 -36.38 6.91
C ALA D 237 -1.98 -34.91 6.63
N VAL D 238 -2.81 -34.28 7.46
CA VAL D 238 -3.01 -32.85 7.35
C VAL D 238 -1.71 -32.10 7.62
N LEU D 239 -0.99 -32.49 8.67
CA LEU D 239 0.27 -31.84 9.01
C LEU D 239 1.32 -32.06 7.93
N LYS D 240 1.47 -33.29 7.47
CA LYS D 240 2.40 -33.58 6.41
C LYS D 240 2.08 -32.75 5.16
N LEU D 241 0.83 -32.80 4.72
CA LEU D 241 0.36 -32.02 3.58
C LEU D 241 0.72 -30.55 3.73
N ASN D 242 0.50 -29.99 4.92
CA ASN D 242 0.88 -28.61 5.12
C ASN D 242 2.39 -28.40 4.93
N GLU D 243 3.19 -29.27 5.52
CA GLU D 243 4.62 -29.10 5.45
C GLU D 243 5.16 -29.38 4.05
N GLN D 244 4.40 -30.13 3.27
CA GLN D 244 4.76 -30.36 1.88
C GLN D 244 4.26 -29.21 0.99
N GLY D 245 3.59 -28.24 1.61
CA GLY D 245 3.06 -27.09 0.91
C GLY D 245 1.81 -27.35 0.07
N LEU D 246 1.23 -28.52 0.23
CA LEU D 246 0.08 -28.92 -0.56
C LEU D 246 -1.21 -28.19 -0.22
N LEU D 247 -1.42 -27.90 1.06
CA LEU D 247 -2.61 -27.18 1.47
C LEU D 247 -2.69 -25.85 0.74
N ASP D 248 -1.57 -25.13 0.70
CA ASP D 248 -1.53 -23.83 0.04
C ASP D 248 -1.61 -23.93 -1.48
N LYS D 249 -0.95 -24.94 -2.03
CA LYS D 249 -1.05 -25.21 -3.45
C LYS D 249 -2.51 -25.44 -3.81
N LEU D 250 -3.21 -26.24 -3.01
CA LEU D 250 -4.63 -26.50 -3.22
C LEU D 250 -5.45 -25.21 -3.19
N LYS D 251 -5.30 -24.42 -2.13
CA LYS D 251 -6.03 -23.16 -2.08
C LYS D 251 -5.65 -22.26 -3.24
N ASN D 252 -4.34 -22.12 -3.51
CA ASN D 252 -3.93 -21.29 -4.64
C ASN D 252 -4.58 -21.80 -5.95
N LYS D 253 -4.67 -23.10 -6.08
CA LYS D 253 -5.29 -23.69 -7.27
C LYS D 253 -6.76 -23.29 -7.44
N TRP D 254 -7.57 -23.52 -6.41
CA TRP D 254 -9.02 -23.34 -6.52
C TRP D 254 -9.49 -21.90 -6.38
N TRP D 255 -8.74 -21.09 -5.66
CA TRP D 255 -9.03 -19.68 -5.53
C TRP D 255 -8.40 -18.82 -6.65
N TYR D 256 -7.11 -19.05 -6.93
CA TYR D 256 -6.35 -18.15 -7.80
C TYR D 256 -6.00 -18.64 -9.21
N ASP D 257 -5.50 -19.87 -9.32
CA ASP D 257 -5.29 -20.44 -10.65
C ASP D 257 -6.61 -20.55 -11.39
N LYS D 258 -7.69 -20.68 -10.61
CA LYS D 258 -9.04 -20.89 -11.14
C LYS D 258 -9.83 -19.58 -11.16
N GLY D 259 -9.21 -18.53 -10.62
CA GLY D 259 -9.84 -17.23 -10.55
C GLY D 259 -10.09 -16.61 -11.91
N GLU D 260 -11.06 -15.71 -11.94
CA GLU D 260 -11.47 -15.12 -13.19
C GLU D 260 -11.15 -13.63 -13.19
N CYS D 261 -10.45 -13.17 -12.17
CA CYS D 261 -10.23 -11.74 -11.99
C CYS D 261 -8.73 -11.36 -12.03
N GLY D 262 -7.86 -12.37 -11.98
CA GLY D 262 -6.42 -12.16 -12.03
C GLY D 262 -5.91 -11.06 -11.12
C1 IKM E . 22.40 22.71 -8.11
C2 IKM E . 22.57 21.56 -5.89
C3 IKM E . 23.08 22.40 -6.80
C4 IKM E . 20.43 21.41 -7.26
C5 IKM E . 21.26 20.86 -6.08
O1 IKM E . 21.50 19.49 -6.39
N2 IKM E . 18.21 19.44 -5.83
C6 IKM E . 19.36 18.55 -5.79
C7 IKM E . 20.27 19.00 -6.97
C8 IKM E . 19.55 20.22 -7.60
C9 IKM E . 18.27 20.39 -6.81
O2 IKM E . 17.40 21.24 -7.03
C10 IKM E . 20.68 17.88 -7.93
C11 IKM E . 18.93 17.05 -5.85
O3 IKM E . 19.77 16.19 -5.45
C12 IKM E . 21.55 18.25 -9.11
O4 IKM E . 21.84 17.32 -9.90
O5 IKM E . 21.89 19.46 -9.20
O6 IKM E . 17.77 16.84 -6.30
N1 IKM E . 21.32 21.75 -8.41
S SO4 F . 32.41 14.94 -17.51
O1 SO4 F . 32.37 16.40 -17.52
O2 SO4 F . 31.59 14.44 -18.62
O3 SO4 F . 33.77 14.45 -17.68
O4 SO4 F . 31.88 14.45 -16.23
CL CL G . 25.86 23.44 -4.13
CL CL H . 9.41 27.90 -11.32
S SO4 I . 10.06 -23.92 15.98
O1 SO4 I . 10.32 -22.84 15.05
O2 SO4 I . 9.29 -23.44 17.13
O3 SO4 I . 11.34 -24.49 16.45
O4 SO4 I . 9.29 -24.95 15.28
CL CL J . 16.80 -27.75 11.08
CL CL K . -0.55 -13.21 11.87
S SO4 L . -18.63 10.96 -35.46
O1 SO4 L . -19.18 12.08 -34.69
O2 SO4 L . -19.15 11.02 -36.82
O3 SO4 L . -17.17 11.05 -35.47
O4 SO4 L . -19.04 9.70 -34.84
S SO4 M . -10.90 18.65 -13.60
O1 SO4 M . -11.22 20.07 -13.68
O2 SO4 M . -10.24 18.15 -14.81
O3 SO4 M . -10.00 18.45 -12.46
O4 SO4 M . -12.15 17.91 -13.38
CL CL N . 2.59 25.34 -18.58
CL CL O . -17.60 22.41 -8.44
C1 IKM P . -22.02 -19.16 5.85
C2 IKM P . -22.52 -21.60 5.50
C3 IKM P . -22.83 -20.31 5.32
C4 IKM P . -20.28 -20.92 6.57
C5 IKM P . -21.32 -22.04 6.29
O1 IKM P . -21.77 -22.52 7.57
N2 IKM P . -18.53 -23.38 7.97
C6 IKM P . -19.86 -23.76 8.40
C7 IKM P . -20.65 -22.42 8.51
C8 IKM P . -19.72 -21.34 7.93
C9 IKM P . -18.41 -22.04 7.68
O2 IKM P . -17.38 -21.51 7.28
C10 IKM P . -21.23 -22.14 9.91
C11 IKM P . -19.85 -24.71 9.64
O3 IKM P . -20.97 -25.20 9.96
C12 IKM P . -22.06 -20.90 10.17
O4 IKM P . -22.80 -20.92 11.19
O5 IKM P . -21.95 -19.94 9.34
O6 IKM P . -18.73 -24.92 10.18
N1 IKM P . -20.87 -19.55 6.70
S SO4 Q . -32.41 -12.57 16.62
O1 SO4 Q . -31.71 -11.32 16.87
O2 SO4 Q . -32.59 -12.74 15.18
O3 SO4 Q . -31.63 -13.67 17.16
O4 SO4 Q . -33.72 -12.57 17.28
S SO4 R . -28.61 -30.54 -10.66
O1 SO4 R . -28.28 -29.34 -9.91
O2 SO4 R . -28.04 -30.45 -12.02
O3 SO4 R . -28.09 -31.71 -9.95
O4 SO4 R . -30.06 -30.64 -10.78
CL CL S . -25.70 -20.67 2.58
CL CL T . -7.37 -16.01 5.54
#